data_1PYZ
# 
_entry.id   1PYZ 
# 
_audit_conform.dict_name       mmcif_pdbx.dic 
_audit_conform.dict_version    5.399 
_audit_conform.dict_location   http://mmcif.pdb.org/dictionaries/ascii/mmcif_pdbx.dic 
# 
loop_
_database_2.database_id 
_database_2.database_code 
_database_2.pdbx_database_accession 
_database_2.pdbx_DOI 
PDB   1PYZ         pdb_00001pyz 10.2210/pdb1pyz/pdb 
RCSB  RCSB019710   ?            ?                   
WWPDB D_1000019710 ?            ?                   
# 
loop_
_pdbx_audit_revision_history.ordinal 
_pdbx_audit_revision_history.data_content_type 
_pdbx_audit_revision_history.major_revision 
_pdbx_audit_revision_history.minor_revision 
_pdbx_audit_revision_history.revision_date 
1 'Structure model' 1 0 2004-12-14 
2 'Structure model' 1 1 2008-04-29 
3 'Structure model' 1 2 2011-07-13 
4 'Structure model' 1 3 2017-10-11 
5 'Structure model' 1 4 2018-06-27 
6 'Structure model' 1 5 2024-11-20 
# 
_pdbx_audit_revision_details.ordinal             1 
_pdbx_audit_revision_details.revision_ordinal    1 
_pdbx_audit_revision_details.data_content_type   'Structure model' 
_pdbx_audit_revision_details.provider            repository 
_pdbx_audit_revision_details.type                'Initial release' 
_pdbx_audit_revision_details.description         ? 
_pdbx_audit_revision_details.details             ? 
# 
loop_
_pdbx_audit_revision_group.ordinal 
_pdbx_audit_revision_group.revision_ordinal 
_pdbx_audit_revision_group.data_content_type 
_pdbx_audit_revision_group.group 
1  2 'Structure model' 'Version format compliance' 
2  3 'Structure model' 'Derived calculations'      
3  3 'Structure model' 'Version format compliance' 
4  4 'Structure model' 'Refinement description'    
5  5 'Structure model' Advisory                    
6  5 'Structure model' 'Data collection'           
7  5 'Structure model' 'Derived calculations'      
8  6 'Structure model' 'Data collection'           
9  6 'Structure model' 'Database references'       
10 6 'Structure model' 'Derived calculations'      
11 6 'Structure model' 'Structure summary'         
# 
loop_
_pdbx_audit_revision_category.ordinal 
_pdbx_audit_revision_category.revision_ordinal 
_pdbx_audit_revision_category.data_content_type 
_pdbx_audit_revision_category.category 
1  4 'Structure model' software                     
2  5 'Structure model' pdbx_unobs_or_zero_occ_atoms 
3  5 'Structure model' struct_conn                  
4  6 'Structure model' chem_comp_atom               
5  6 'Structure model' chem_comp_bond               
6  6 'Structure model' database_2                   
7  6 'Structure model' pdbx_entry_details           
8  6 'Structure model' pdbx_modification_feature    
9  6 'Structure model' struct_conn                  
10 6 'Structure model' struct_site                  
# 
loop_
_pdbx_audit_revision_item.ordinal 
_pdbx_audit_revision_item.revision_ordinal 
_pdbx_audit_revision_item.data_content_type 
_pdbx_audit_revision_item.item 
1  4 'Structure model' '_software.name'                      
2  6 'Structure model' '_database_2.pdbx_DOI'                
3  6 'Structure model' '_database_2.pdbx_database_accession' 
4  6 'Structure model' '_struct_conn.pdbx_leaving_atom_flag' 
5  6 'Structure model' '_struct_conn.ptnr1_auth_asym_id'     
6  6 'Structure model' '_struct_conn.ptnr1_auth_comp_id'     
7  6 'Structure model' '_struct_conn.ptnr1_auth_seq_id'      
8  6 'Structure model' '_struct_conn.ptnr1_label_asym_id'    
9  6 'Structure model' '_struct_conn.ptnr1_label_atom_id'    
10 6 'Structure model' '_struct_conn.ptnr1_label_comp_id'    
11 6 'Structure model' '_struct_conn.ptnr1_label_seq_id'     
12 6 'Structure model' '_struct_conn.ptnr2_auth_asym_id'     
13 6 'Structure model' '_struct_conn.ptnr2_auth_comp_id'     
14 6 'Structure model' '_struct_conn.ptnr2_auth_seq_id'      
15 6 'Structure model' '_struct_conn.ptnr2_label_asym_id'    
16 6 'Structure model' '_struct_conn.ptnr2_label_atom_id'    
17 6 'Structure model' '_struct_conn.ptnr2_label_comp_id'    
18 6 'Structure model' '_struct_conn.ptnr2_label_seq_id'     
19 6 'Structure model' '_struct_site.pdbx_auth_asym_id'      
20 6 'Structure model' '_struct_site.pdbx_auth_comp_id'      
21 6 'Structure model' '_struct_site.pdbx_auth_seq_id'       
# 
_pdbx_database_status.status_code                     REL 
_pdbx_database_status.entry_id                        1PYZ 
_pdbx_database_status.recvd_initial_deposition_date   2003-07-09 
_pdbx_database_status.deposit_site                    RCSB 
_pdbx_database_status.process_site                    RCSB 
_pdbx_database_status.status_code_sf                  REL 
_pdbx_database_status.SG_entry                        . 
_pdbx_database_status.status_code_mr                  ? 
_pdbx_database_status.status_code_cs                  ? 
_pdbx_database_status.pdb_format_compatible           Y 
_pdbx_database_status.methods_development_category    ? 
_pdbx_database_status.status_code_nmr_data            ? 
# 
loop_
_audit_author.name 
_audit_author.pdbx_ordinal 
'Di Costanzo, L.' 1 
'Geremia, S.'     2 
'Randaccio, L.'   3 
'Nastri, F.'      4 
'Maglio, O.'      5 
'Lombardi, A.'    6 
'Pavone, V.'      7 
# 
loop_
_citation.id 
_citation.title 
_citation.journal_abbrev 
_citation.journal_volume 
_citation.page_first 
_citation.page_last 
_citation.year 
_citation.journal_id_ASTM 
_citation.country 
_citation.journal_id_ISSN 
_citation.journal_id_CSD 
_citation.book_publisher 
_citation.pdbx_database_id_PubMed 
_citation.pdbx_database_id_DOI 
primary 'Miniaturized heme proteins: crystal structure of Co(III)-mimochrome IV.' J.Biol.Inorg.Chem. 9 1017 1027 2004 JJBCFA GW 
0949-8257 2154 ? 15551102 10.1007/s00775-004-0600-x 
1       
;"Design of a new mimochrome with unique topology"
;
'To be Published'  ? ?    ?    ?    ?      ?  ?         0353 ? ?        ?                         
# 
loop_
_citation_author.citation_id 
_citation_author.name 
_citation_author.ordinal 
_citation_author.identifier_ORCID 
primary 'Di Costanzo, L.' 1  ? 
primary 'Geremia, S.'     2  ? 
primary 'Randaccio, L.'   3  ? 
primary 'Nastri, F.'      4  ? 
primary 'Maglio, O.'      5  ? 
primary 'Lombardi, A.'    6  ? 
primary 'Pavone, V.'      7  ? 
1       'Lombardi, A.'    8  ? 
1       'Nastri, F.'      9  ? 
1       'Marasco, D.'     10 ? 
1       'Maglio, O.'      11 ? 
1       'De Sanctis, G.'  12 ? 
1       'Sinibaldi, F.'   13 ? 
1       'Santucci, R.'    14 ? 
1       'Coletta, M.'     15 ? 
1       'Pavone, V.'      16 ? 
# 
loop_
_entity.id 
_entity.type 
_entity.src_method 
_entity.pdbx_description 
_entity.formula_weight 
_entity.pdbx_number_of_molecules 
_entity.pdbx_ec 
_entity.pdbx_mutation 
_entity.pdbx_fragment 
_entity.details 
1 polymer     syn 'MIMOCHROME IV, MINIATURIZED METALLOPROTEIN' 1125.240 2  ? ? ? ? 
2 non-polymer syn 'CHLORIDE ION'                               35.453   1  ? ? ? ? 
3 non-polymer syn 'CO(III)-(DEUTEROPORPHYRIN IX)'              567.501  1  ? ? ? ? 
4 water       nat water                                        18.015   67 ? ? ? ? 
# 
_entity_poly.entity_id                      1 
_entity_poly.type                           'polypeptide(L)' 
_entity_poly.nstd_linkage                   no 
_entity_poly.nstd_monomer                   yes 
_entity_poly.pdbx_seq_one_letter_code       '(ACE)ESQLHSNKR(NH2)' 
_entity_poly.pdbx_seq_one_letter_code_can   XESQLHSNKRX 
_entity_poly.pdbx_strand_id                 A,B 
_entity_poly.pdbx_target_identifier         ? 
# 
loop_
_pdbx_entity_nonpoly.entity_id 
_pdbx_entity_nonpoly.name 
_pdbx_entity_nonpoly.comp_id 
2 'CHLORIDE ION'                  CL  
3 'CO(III)-(DEUTEROPORPHYRIN IX)' DEU 
4 water                           HOH 
# 
loop_
_entity_poly_seq.entity_id 
_entity_poly_seq.num 
_entity_poly_seq.mon_id 
_entity_poly_seq.hetero 
1 1  ACE n 
1 2  GLU n 
1 3  SER n 
1 4  GLN n 
1 5  LEU n 
1 6  HIS n 
1 7  SER n 
1 8  ASN n 
1 9  LYS n 
1 10 ARG n 
1 11 NH2 n 
# 
_pdbx_entity_src_syn.entity_id              1 
_pdbx_entity_src_syn.pdbx_src_id            1 
_pdbx_entity_src_syn.pdbx_alt_source_flag   sample 
_pdbx_entity_src_syn.pdbx_beg_seq_num       ? 
_pdbx_entity_src_syn.pdbx_end_seq_num       ? 
_pdbx_entity_src_syn.organism_scientific    ? 
_pdbx_entity_src_syn.organism_common_name   ? 
_pdbx_entity_src_syn.ncbi_taxonomy_id       ? 
_pdbx_entity_src_syn.details                'Chemically synthesized' 
# 
loop_
_chem_comp.id 
_chem_comp.type 
_chem_comp.mon_nstd_flag 
_chem_comp.name 
_chem_comp.pdbx_synonyms 
_chem_comp.formula 
_chem_comp.formula_weight 
ACE non-polymer         . 'ACETYL GROUP'                  ? 'C2 H4 O'            44.053  
ARG 'L-peptide linking' y ARGININE                        ? 'C6 H15 N4 O2 1'     175.209 
ASN 'L-peptide linking' y ASPARAGINE                      ? 'C4 H8 N2 O3'        132.118 
CL  non-polymer         . 'CHLORIDE ION'                  ? 'Cl -1'              35.453  
DEU non-polymer         . 'CO(III)-(DEUTEROPORPHYRIN IX)' ? 'C30 H28 Co N4 O4 5' 567.501 
GLN 'L-peptide linking' y GLUTAMINE                       ? 'C5 H10 N2 O3'       146.144 
GLU 'L-peptide linking' y 'GLUTAMIC ACID'                 ? 'C5 H9 N O4'         147.129 
HIS 'L-peptide linking' y HISTIDINE                       ? 'C6 H10 N3 O2 1'     156.162 
HOH non-polymer         . WATER                           ? 'H2 O'               18.015  
LEU 'L-peptide linking' y LEUCINE                         ? 'C6 H13 N O2'        131.173 
LYS 'L-peptide linking' y LYSINE                          ? 'C6 H15 N2 O2 1'     147.195 
NH2 non-polymer         . 'AMINO GROUP'                   ? 'H2 N'               16.023  
SER 'L-peptide linking' y SERINE                          ? 'C3 H7 N O3'         105.093 
# 
loop_
_pdbx_poly_seq_scheme.asym_id 
_pdbx_poly_seq_scheme.entity_id 
_pdbx_poly_seq_scheme.seq_id 
_pdbx_poly_seq_scheme.mon_id 
_pdbx_poly_seq_scheme.ndb_seq_num 
_pdbx_poly_seq_scheme.pdb_seq_num 
_pdbx_poly_seq_scheme.auth_seq_num 
_pdbx_poly_seq_scheme.pdb_mon_id 
_pdbx_poly_seq_scheme.auth_mon_id 
_pdbx_poly_seq_scheme.pdb_strand_id 
_pdbx_poly_seq_scheme.pdb_ins_code 
_pdbx_poly_seq_scheme.hetero 
A 1 1  ACE 1  0  0  ACE ACE A . n 
A 1 2  GLU 2  1  1  GLU GLU A . n 
A 1 3  SER 3  2  2  SER SER A . n 
A 1 4  GLN 4  3  3  GLN GLN A . n 
A 1 5  LEU 5  4  4  LEU LEU A . n 
A 1 6  HIS 6  5  5  HIS HIS A . n 
A 1 7  SER 7  6  6  SER SER A . n 
A 1 8  ASN 8  7  7  ASN ASN A . n 
A 1 9  LYS 9  8  8  LYS LYS A . n 
A 1 10 ARG 10 9  9  ARG ARG A . n 
A 1 11 NH2 11 10 10 NH2 NH2 A . n 
B 1 1  ACE 1  0  0  ACE ACE B . n 
B 1 2  GLU 2  1  1  GLU GLU B . n 
B 1 3  SER 3  2  2  SER SER B . n 
B 1 4  GLN 4  3  3  GLN GLN B . n 
B 1 5  LEU 5  4  4  LEU LEU B . n 
B 1 6  HIS 6  5  5  HIS HIS B . n 
B 1 7  SER 7  6  6  SER SER B . n 
B 1 8  ASN 8  7  7  ASN ASN B . n 
B 1 9  LYS 9  8  8  LYS LYS B . n 
B 1 10 ARG 10 9  9  ARG ARG B . n 
B 1 11 NH2 11 10 10 NH2 NH2 B . n 
# 
loop_
_pdbx_nonpoly_scheme.asym_id 
_pdbx_nonpoly_scheme.entity_id 
_pdbx_nonpoly_scheme.mon_id 
_pdbx_nonpoly_scheme.ndb_seq_num 
_pdbx_nonpoly_scheme.pdb_seq_num 
_pdbx_nonpoly_scheme.auth_seq_num 
_pdbx_nonpoly_scheme.pdb_mon_id 
_pdbx_nonpoly_scheme.auth_mon_id 
_pdbx_nonpoly_scheme.pdb_strand_id 
_pdbx_nonpoly_scheme.pdb_ins_code 
C 2 CL  1  68  68 CL  CL  A . 
D 3 DEU 1  101 19 DEU DEU A . 
E 4 HOH 1  102 1  HOH HOH A . 
E 4 HOH 2  103 2  HOH HOH A . 
E 4 HOH 3  104 3  HOH HOH A . 
E 4 HOH 4  105 4  HOH HOH A . 
E 4 HOH 5  106 5  HOH HOH A . 
E 4 HOH 6  107 6  HOH HOH A . 
E 4 HOH 7  108 10 HOH HOH A . 
E 4 HOH 8  109 12 HOH HOH A . 
E 4 HOH 9  110 14 HOH HOH A . 
E 4 HOH 10 111 16 HOH HOH A . 
E 4 HOH 11 112 19 HOH HOH A . 
E 4 HOH 12 113 20 HOH HOH A . 
E 4 HOH 13 114 21 HOH HOH A . 
E 4 HOH 14 115 22 HOH HOH A . 
E 4 HOH 15 116 23 HOH HOH A . 
E 4 HOH 16 117 24 HOH HOH A . 
E 4 HOH 17 118 25 HOH HOH A . 
E 4 HOH 18 119 27 HOH HOH A . 
E 4 HOH 19 120 28 HOH HOH A . 
E 4 HOH 20 121 29 HOH HOH A . 
E 4 HOH 21 122 30 HOH HOH A . 
E 4 HOH 22 123 37 HOH HOH A . 
E 4 HOH 23 124 40 HOH HOH A . 
E 4 HOH 24 125 43 HOH HOH A . 
E 4 HOH 25 126 46 HOH HOH A . 
E 4 HOH 26 127 47 HOH HOH A . 
E 4 HOH 27 128 48 HOH HOH A . 
E 4 HOH 28 129 51 HOH HOH A . 
E 4 HOH 29 130 52 HOH HOH A . 
E 4 HOH 30 131 55 HOH HOH A . 
E 4 HOH 31 132 56 HOH HOH A . 
E 4 HOH 32 133 61 HOH HOH A . 
E 4 HOH 33 134 62 HOH HOH A . 
E 4 HOH 34 135 65 HOH HOH A . 
E 4 HOH 35 136 66 HOH HOH A . 
F 4 HOH 1  11  7  HOH HOH B . 
F 4 HOH 2  12  8  HOH HOH B . 
F 4 HOH 3  13  9  HOH HOH B . 
F 4 HOH 4  14  11 HOH HOH B . 
F 4 HOH 5  15  13 HOH HOH B . 
F 4 HOH 6  16  15 HOH HOH B . 
F 4 HOH 7  17  17 HOH HOH B . 
F 4 HOH 8  18  18 HOH HOH B . 
F 4 HOH 9  19  26 HOH HOH B . 
F 4 HOH 10 20  31 HOH HOH B . 
F 4 HOH 11 21  32 HOH HOH B . 
F 4 HOH 12 22  33 HOH HOH B . 
F 4 HOH 13 23  34 HOH HOH B . 
F 4 HOH 14 24  35 HOH HOH B . 
F 4 HOH 15 25  36 HOH HOH B . 
F 4 HOH 16 26  38 HOH HOH B . 
F 4 HOH 17 27  39 HOH HOH B . 
F 4 HOH 18 28  41 HOH HOH B . 
F 4 HOH 19 29  42 HOH HOH B . 
F 4 HOH 20 30  44 HOH HOH B . 
F 4 HOH 21 31  45 HOH HOH B . 
F 4 HOH 22 32  49 HOH HOH B . 
F 4 HOH 23 33  50 HOH HOH B . 
F 4 HOH 24 34  53 HOH HOH B . 
F 4 HOH 25 35  54 HOH HOH B . 
F 4 HOH 26 36  57 HOH HOH B . 
F 4 HOH 27 37  58 HOH HOH B . 
F 4 HOH 28 38  59 HOH HOH B . 
F 4 HOH 29 39  60 HOH HOH B . 
F 4 HOH 30 40  63 HOH HOH B . 
F 4 HOH 31 41  64 HOH HOH B . 
F 4 HOH 32 42  67 HOH HOH B . 
# 
loop_
_pdbx_unobs_or_zero_occ_atoms.id 
_pdbx_unobs_or_zero_occ_atoms.PDB_model_num 
_pdbx_unobs_or_zero_occ_atoms.polymer_flag 
_pdbx_unobs_or_zero_occ_atoms.occupancy_flag 
_pdbx_unobs_or_zero_occ_atoms.auth_asym_id 
_pdbx_unobs_or_zero_occ_atoms.auth_comp_id 
_pdbx_unobs_or_zero_occ_atoms.auth_seq_id 
_pdbx_unobs_or_zero_occ_atoms.PDB_ins_code 
_pdbx_unobs_or_zero_occ_atoms.auth_atom_id 
_pdbx_unobs_or_zero_occ_atoms.label_alt_id 
_pdbx_unobs_or_zero_occ_atoms.label_asym_id 
_pdbx_unobs_or_zero_occ_atoms.label_comp_id 
_pdbx_unobs_or_zero_occ_atoms.label_seq_id 
_pdbx_unobs_or_zero_occ_atoms.label_atom_id 
1 1 N 1 A DEU 101 ? O1D ? D DEU 1 O1D 
2 1 N 1 A DEU 101 ? O2A ? D DEU 1 O2A 
# 
loop_
_software.name 
_software.classification 
_software.version 
_software.citation_id 
_software.pdbx_ordinal 
MOSFLM    'data reduction' .                                    ? 1 
SCALA     'data scaling'   .                                    ? 2 
MLPHARE   phasing          .                                    ? 3 
RSPS      'model building' 'FROM CCP4.SHELXL FOR THE REFINEMEN' ? 4 
SHELX     refinement       'VERSION 97-1'                       ? 5 
SHELXL-97 refinement       .                                    ? 6 
# 
_cell.entry_id           1PYZ 
_cell.length_a           65.536 
_cell.length_b           65.536 
_cell.length_c           23.529 
_cell.angle_alpha        90.00 
_cell.angle_beta         90.00 
_cell.angle_gamma        120.00 
_cell.Z_PDB              24 
_cell.pdbx_unique_axis   ? 
_cell.length_a_esd       ? 
_cell.length_b_esd       ? 
_cell.length_c_esd       ? 
_cell.angle_alpha_esd    ? 
_cell.angle_beta_esd     ? 
_cell.angle_gamma_esd    ? 
# 
_symmetry.entry_id                         1PYZ 
_symmetry.space_group_name_H-M             'P 64 2 2' 
_symmetry.pdbx_full_space_group_name_H-M   ? 
_symmetry.cell_setting                     ? 
_symmetry.Int_Tables_number                181 
_symmetry.space_group_name_Hall            ? 
# 
_exptl.entry_id          1PYZ 
_exptl.method            'X-RAY DIFFRACTION' 
_exptl.crystals_number   1 
# 
_exptl_crystal.id                    1 
_exptl_crystal.density_meas          ? 
_exptl_crystal.density_Matthews      2.70 
_exptl_crystal.density_percent_sol   55.0 
_exptl_crystal.description           'FOUR DATA SET WHERE COLLECTED WITH VAWELENGHT 1.000(A) 1.606(A),1.612(A)' 
_exptl_crystal.F_000                 ? 
_exptl_crystal.preparation           ? 
# 
_exptl_crystal_grow.crystal_id      1 
_exptl_crystal_grow.method          EVAPORATION 
_exptl_crystal_grow.temp            ? 
_exptl_crystal_grow.temp_details    ? 
_exptl_crystal_grow.pH              ? 
_exptl_crystal_grow.pdbx_details    'water and 2-propanol, EVAPORATION' 
_exptl_crystal_grow.pdbx_pH_range   . 
# 
_diffrn.id                     1 
_diffrn.ambient_temp           100.0 
_diffrn.ambient_temp_details   ? 
_diffrn.crystal_id             1 
# 
_diffrn_detector.diffrn_id              1 
_diffrn_detector.detector               'IMAGE PLATE' 
_diffrn_detector.type                   MARRESEARCH 
_diffrn_detector.pdbx_collection_date   2001-04-21 
_diffrn_detector.details                MIRRORS 
# 
_diffrn_radiation.diffrn_id                        1 
_diffrn_radiation.wavelength_id                    1 
_diffrn_radiation.pdbx_monochromatic_or_laue_m_l   M 
_diffrn_radiation.monochromator                    'SI 111' 
_diffrn_radiation.pdbx_diffrn_protocol             'SINGLE WAVELENGTH' 
_diffrn_radiation.pdbx_scattering_type             x-ray 
# 
loop_
_diffrn_radiation_wavelength.id 
_diffrn_radiation_wavelength.wavelength 
_diffrn_radiation_wavelength.wt 
1 1.000 1.0 
2 1.604 1.0 
3 1.606 1.0 
4 1.612 1.0 
# 
_diffrn_source.diffrn_id                   1 
_diffrn_source.source                      SYNCHROTRON 
_diffrn_source.type                        'ELETTRA BEAMLINE 5.2R' 
_diffrn_source.pdbx_synchrotron_site       ELETTRA 
_diffrn_source.pdbx_synchrotron_beamline   5.2R 
_diffrn_source.pdbx_wavelength             ? 
_diffrn_source.pdbx_wavelength_list        '1.000, 1.604, 1.606, 1.612' 
# 
_reflns.entry_id                     1PYZ 
_reflns.observed_criterion_sigma_I   ? 
_reflns.observed_criterion_sigma_F   ? 
_reflns.d_resolution_low             16.4 
_reflns.d_resolution_high            1.250 
_reflns.number_obs                   8061 
_reflns.number_all                   ? 
_reflns.percent_possible_obs         94.4 
_reflns.pdbx_Rmerge_I_obs            0.093 
_reflns.pdbx_Rsym_value              ? 
_reflns.pdbx_netI_over_sigmaI        15.0 
_reflns.B_iso_Wilson_estimate        ? 
_reflns.pdbx_redundancy              15.0 
_reflns.R_free_details               ? 
_reflns.limit_h_max                  ? 
_reflns.limit_h_min                  ? 
_reflns.limit_k_max                  ? 
_reflns.limit_k_min                  ? 
_reflns.limit_l_max                  ? 
_reflns.limit_l_min                  ? 
_reflns.observed_criterion_F_max     ? 
_reflns.observed_criterion_F_min     ? 
_reflns.pdbx_chi_squared             ? 
_reflns.pdbx_scaling_rejects         ? 
_reflns.pdbx_ordinal                 1 
_reflns.pdbx_diffrn_id               1 
# 
_reflns_shell.d_res_high             1.25 
_reflns_shell.d_res_low              1.32 
_reflns_shell.percent_possible_all   86.4 
_reflns_shell.Rmerge_I_obs           0.636 
_reflns_shell.pdbx_Rsym_value        ? 
_reflns_shell.meanI_over_sigI_obs    3.1 
_reflns_shell.pdbx_redundancy        9.4 
_reflns_shell.percent_possible_obs   ? 
_reflns_shell.number_unique_all      ? 
_reflns_shell.number_measured_all    ? 
_reflns_shell.number_measured_obs    ? 
_reflns_shell.number_unique_obs      ? 
_reflns_shell.pdbx_chi_squared       ? 
_reflns_shell.pdbx_ordinal           1 
_reflns_shell.pdbx_diffrn_id         1 
# 
_refine.entry_id                                 1PYZ 
_refine.ls_number_reflns_obs                     7651 
_refine.ls_number_reflns_all                     7651 
_refine.pdbx_ls_sigma_I                          2 
_refine.pdbx_ls_sigma_F                          4 
_refine.pdbx_data_cutoff_high_absF               ? 
_refine.pdbx_data_cutoff_low_absF                ? 
_refine.pdbx_data_cutoff_high_rms_absF           ? 
_refine.ls_d_res_low                             16.4 
_refine.ls_d_res_high                            1.25 
_refine.ls_percent_reflns_obs                    ? 
_refine.ls_R_factor_obs                          ? 
_refine.ls_R_factor_all                          ? 
_refine.ls_R_factor_R_work                       0.173 
_refine.ls_R_factor_R_free                       0.179 
_refine.ls_R_factor_R_free_error                 ? 
_refine.ls_R_factor_R_free_error_details         ? 
_refine.ls_percent_reflns_R_free                 5.0 
_refine.ls_number_reflns_R_free                  314 
_refine.ls_number_parameters                     ? 
_refine.ls_number_restraints                     ? 
_refine.occupancy_min                            ? 
_refine.occupancy_max                            ? 
_refine.correlation_coeff_Fo_to_Fc               ? 
_refine.correlation_coeff_Fo_to_Fc_free          ? 
_refine.B_iso_mean                               ? 
_refine.aniso_B[1][1]                            ? 
_refine.aniso_B[2][2]                            ? 
_refine.aniso_B[3][3]                            ? 
_refine.aniso_B[1][2]                            ? 
_refine.aniso_B[1][3]                            ? 
_refine.aniso_B[2][3]                            ? 
_refine.solvent_model_details                    ? 
_refine.solvent_model_param_ksol                 ? 
_refine.solvent_model_param_bsol                 ? 
_refine.pdbx_solvent_vdw_probe_radii             ? 
_refine.pdbx_solvent_ion_probe_radii             ? 
_refine.pdbx_solvent_shrinkage_radii             ? 
_refine.pdbx_ls_cross_valid_method               'FREE R' 
_refine.details                                  
'ANISOTROPIC REFINEMENT FOR COBALT AND CHLORIDE IONS. NO GEOMETRIC OR ADP RESTRAINTS APPLIED TO COBALT ATOM.' 
_refine.pdbx_starting_model                      ? 
_refine.pdbx_method_to_determine_struct          'MAD on the cobalt edge' 
_refine.pdbx_isotropic_thermal_model             ? 
_refine.pdbx_stereochemistry_target_values       ? 
_refine.pdbx_stereochem_target_val_spec_case     ? 
_refine.pdbx_R_Free_selection_details            RANDOM 
_refine.pdbx_overall_ESU_R_Free                  ? 
_refine.overall_SU_ML                            ? 
_refine.overall_SU_B                             ? 
_refine.ls_redundancy_reflns_obs                 ? 
_refine.B_iso_min                                ? 
_refine.B_iso_max                                ? 
_refine.overall_SU_R_Cruickshank_DPI             ? 
_refine.overall_SU_R_free                        ? 
_refine.ls_wR_factor_R_free                      ? 
_refine.ls_wR_factor_R_work                      ? 
_refine.overall_FOM_free_R_set                   ? 
_refine.overall_FOM_work_R_set                   ? 
_refine.pdbx_refine_id                           'X-RAY DIFFRACTION' 
_refine.pdbx_overall_phase_error                 ? 
_refine.pdbx_overall_ESU_R                       ? 
_refine.pdbx_diffrn_id                           1 
_refine.pdbx_TLS_residual_ADP_flag               ? 
_refine.pdbx_overall_SU_R_free_Cruickshank_DPI   ? 
_refine.pdbx_overall_SU_R_Blow_DPI               ? 
_refine.pdbx_overall_SU_R_free_Blow_DPI          ? 
# 
_refine_hist.pdbx_refine_id                   'X-RAY DIFFRACTION' 
_refine_hist.cycle_id                         LAST 
_refine_hist.pdbx_number_atoms_protein        160 
_refine_hist.pdbx_number_atoms_nucleic_acid   0 
_refine_hist.pdbx_number_atoms_ligand         38 
_refine_hist.number_atoms_solvent             67 
_refine_hist.number_atoms_total               265 
_refine_hist.d_res_high                       1.25 
_refine_hist.d_res_low                        16.4 
# 
loop_
_refine_ls_restr.type 
_refine_ls_restr.dev_ideal 
_refine_ls_restr.dev_ideal_target 
_refine_ls_restr.weight 
_refine_ls_restr.number 
_refine_ls_restr.pdbx_refine_id 
_refine_ls_restr.pdbx_restraint_function 
s_bond_d               0.010 ? ? ? 'X-RAY DIFFRACTION' ? 
s_angle_d              2.60  ? ? ? 'X-RAY DIFFRACTION' ? 
s_similar_dist         ?     ? ? ? 'X-RAY DIFFRACTION' ? 
s_from_restr_planes    ?     ? ? ? 'X-RAY DIFFRACTION' ? 
s_zero_chiral_vol      ?     ? ? ? 'X-RAY DIFFRACTION' ? 
s_non_zero_chiral_vol  ?     ? ? ? 'X-RAY DIFFRACTION' ? 
s_anti_bump_dis_restr  ?     ? ? ? 'X-RAY DIFFRACTION' ? 
s_rigid_bond_adp_cmpnt ?     ? ? ? 'X-RAY DIFFRACTION' ? 
s_similar_adp_cmpnt    ?     ? ? ? 'X-RAY DIFFRACTION' ? 
s_approx_iso_adps      ?     ? ? ? 'X-RAY DIFFRACTION' ? 
# 
_pdbx_refine.entry_id                                    1PYZ 
_pdbx_refine.R_factor_all_no_cutoff                      ? 
_pdbx_refine.R_factor_obs_no_cutoff                      0.185 
_pdbx_refine.free_R_factor_no_cutoff                     0.188 
_pdbx_refine.free_R_val_test_set_size_perc_no_cutoff     5.0 
_pdbx_refine.free_R_val_test_set_ct_no_cutoff            396 
_pdbx_refine.R_factor_all_4sig_cutoff                    ? 
_pdbx_refine.R_factor_obs_4sig_cutoff                    0.17 
_pdbx_refine.free_R_factor_4sig_cutoff                   0.179 
_pdbx_refine.free_R_val_test_set_size_perc_4sig_cutoff   5.000 
_pdbx_refine.free_R_val_test_set_ct_4sig_cutoff          314 
_pdbx_refine.number_reflns_obs_4sig_cutoff               6269 
_pdbx_refine.number_reflns_obs_no_cutoff                 ? 
_pdbx_refine.pdbx_refine_id                              'X-RAY DIFFRACTION' 
_pdbx_refine.free_R_error_no_cutoff                      ? 
# 
_struct.entry_id                  1PYZ 
_struct.title                     'CRYSTALLOGRAPHIC STRUCTURE OF MIMOCHROME IV' 
_struct.pdbx_model_details        ? 
_struct.pdbx_CASP_flag            ? 
_struct.pdbx_model_type_details   ? 
# 
_struct_keywords.entry_id        1PYZ 
_struct_keywords.pdbx_keywords   'METAL BINDING PROTEIN' 
_struct_keywords.text            'MINIATURIZED METALLOPROTEIN, MAD ON THE COBALT EDGE, METAL BINDING PROTEIN' 
# 
loop_
_struct_asym.id 
_struct_asym.pdbx_blank_PDB_chainid_flag 
_struct_asym.pdbx_modified 
_struct_asym.entity_id 
_struct_asym.details 
A N N 1 ? 
B N N 1 ? 
C N N 2 ? 
D N N 3 ? 
E N N 4 ? 
F N N 4 ? 
# 
_struct_ref.id                         1 
_struct_ref.entity_id                  1 
_struct_ref.db_name                    PDB 
_struct_ref.db_code                    1PYZ 
_struct_ref.pdbx_db_accession          1PYZ 
_struct_ref.pdbx_align_begin           ? 
_struct_ref.pdbx_seq_one_letter_code   ? 
_struct_ref.pdbx_db_isoform            ? 
# 
loop_
_struct_ref_seq.align_id 
_struct_ref_seq.ref_id 
_struct_ref_seq.pdbx_PDB_id_code 
_struct_ref_seq.pdbx_strand_id 
_struct_ref_seq.seq_align_beg 
_struct_ref_seq.pdbx_seq_align_beg_ins_code 
_struct_ref_seq.seq_align_end 
_struct_ref_seq.pdbx_seq_align_end_ins_code 
_struct_ref_seq.pdbx_db_accession 
_struct_ref_seq.db_align_beg 
_struct_ref_seq.pdbx_db_align_beg_ins_code 
_struct_ref_seq.db_align_end 
_struct_ref_seq.pdbx_db_align_end_ins_code 
_struct_ref_seq.pdbx_auth_seq_align_beg 
_struct_ref_seq.pdbx_auth_seq_align_end 
1 1 1PYZ A 1 ? 11 ? 1PYZ 0 ? 10 ? 0 10 
2 1 1PYZ B 1 ? 11 ? 1PYZ 0 ? 10 ? 0 10 
# 
loop_
_pdbx_struct_assembly.id 
_pdbx_struct_assembly.details 
_pdbx_struct_assembly.method_details 
_pdbx_struct_assembly.oligomeric_details 
_pdbx_struct_assembly.oligomeric_count 
1 author_defined_assembly   ?    dimeric    2 
2 software_defined_assembly PISA tetrameric 4 
# 
loop_
_pdbx_struct_assembly_prop.biol_id 
_pdbx_struct_assembly_prop.type 
_pdbx_struct_assembly_prop.value 
_pdbx_struct_assembly_prop.details 
2 'ABSA (A^2)' 3460 ? 
2 MORE         -46  ? 
2 'SSA (A^2)'  3500 ? 
# 
loop_
_pdbx_struct_assembly_gen.assembly_id 
_pdbx_struct_assembly_gen.oper_expression 
_pdbx_struct_assembly_gen.asym_id_list 
1 1   A,B,C,D,E,F 
2 1,2 A,B,C,D,E,F 
# 
loop_
_pdbx_struct_oper_list.id 
_pdbx_struct_oper_list.type 
_pdbx_struct_oper_list.name 
_pdbx_struct_oper_list.symmetry_operation 
_pdbx_struct_oper_list.matrix[1][1] 
_pdbx_struct_oper_list.matrix[1][2] 
_pdbx_struct_oper_list.matrix[1][3] 
_pdbx_struct_oper_list.vector[1] 
_pdbx_struct_oper_list.matrix[2][1] 
_pdbx_struct_oper_list.matrix[2][2] 
_pdbx_struct_oper_list.matrix[2][3] 
_pdbx_struct_oper_list.vector[2] 
_pdbx_struct_oper_list.matrix[3][1] 
_pdbx_struct_oper_list.matrix[3][2] 
_pdbx_struct_oper_list.matrix[3][3] 
_pdbx_struct_oper_list.vector[3] 
1 'identity operation'         1_555  x,y,z          1.0000000000  0.0000000000  0.0000000000  0.0000000000   0.0000000000  1.0000000000 0.0000000000 0.0000000000 0.0000000000  0.0000000000 1.0000000000  0.0000000000  
2 'crystal symmetry operation' 12_544 x,x-y-1,-z-1/3 -0.9982878792 -0.0553782918 -0.0188296324 -11.0077143471 -0.0553782918 0.7912025760 0.6090416477 0.3961215891 -0.0188296324 0.6090416477 -0.7929146968 -2.1658985588 
# 
loop_
_struct_conf.conf_type_id 
_struct_conf.id 
_struct_conf.pdbx_PDB_helix_id 
_struct_conf.beg_label_comp_id 
_struct_conf.beg_label_asym_id 
_struct_conf.beg_label_seq_id 
_struct_conf.pdbx_beg_PDB_ins_code 
_struct_conf.end_label_comp_id 
_struct_conf.end_label_asym_id 
_struct_conf.end_label_seq_id 
_struct_conf.pdbx_end_PDB_ins_code 
_struct_conf.beg_auth_comp_id 
_struct_conf.beg_auth_asym_id 
_struct_conf.beg_auth_seq_id 
_struct_conf.end_auth_comp_id 
_struct_conf.end_auth_asym_id 
_struct_conf.end_auth_seq_id 
_struct_conf.pdbx_PDB_helix_class 
_struct_conf.details 
_struct_conf.pdbx_PDB_helix_length 
HELX_P HELX_P1 1 SER A 3 ? ARG A 10 ? SER A 2 ARG A 9 1 ? 8 
HELX_P HELX_P2 2 SER B 3 ? ARG B 10 ? SER B 2 ARG B 9 1 ? 8 
# 
_struct_conf_type.id          HELX_P 
_struct_conf_type.criteria    ? 
_struct_conf_type.reference   ? 
# 
loop_
_struct_conn.id 
_struct_conn.conn_type_id 
_struct_conn.pdbx_leaving_atom_flag 
_struct_conn.pdbx_PDB_id 
_struct_conn.ptnr1_label_asym_id 
_struct_conn.ptnr1_label_comp_id 
_struct_conn.ptnr1_label_seq_id 
_struct_conn.ptnr1_label_atom_id 
_struct_conn.pdbx_ptnr1_label_alt_id 
_struct_conn.pdbx_ptnr1_PDB_ins_code 
_struct_conn.pdbx_ptnr1_standard_comp_id 
_struct_conn.ptnr1_symmetry 
_struct_conn.ptnr2_label_asym_id 
_struct_conn.ptnr2_label_comp_id 
_struct_conn.ptnr2_label_seq_id 
_struct_conn.ptnr2_label_atom_id 
_struct_conn.pdbx_ptnr2_label_alt_id 
_struct_conn.pdbx_ptnr2_PDB_ins_code 
_struct_conn.ptnr1_auth_asym_id 
_struct_conn.ptnr1_auth_comp_id 
_struct_conn.ptnr1_auth_seq_id 
_struct_conn.ptnr2_auth_asym_id 
_struct_conn.ptnr2_auth_comp_id 
_struct_conn.ptnr2_auth_seq_id 
_struct_conn.ptnr2_symmetry 
_struct_conn.pdbx_ptnr3_label_atom_id 
_struct_conn.pdbx_ptnr3_label_seq_id 
_struct_conn.pdbx_ptnr3_label_comp_id 
_struct_conn.pdbx_ptnr3_label_asym_id 
_struct_conn.pdbx_ptnr3_label_alt_id 
_struct_conn.pdbx_ptnr3_PDB_ins_code 
_struct_conn.details 
_struct_conn.pdbx_dist_value 
_struct_conn.pdbx_value_order 
_struct_conn.pdbx_role 
covale1 covale both ? A ACE 1  C   ? ? ? 1_555 A GLU 2  N   ? ? A ACE 0   A GLU 1   1_555 ? ? ? ? ? ? ? 1.323 ? ? 
covale2 covale both ? A ARG 10 C   ? ? ? 1_555 A NH2 11 N   ? ? A ARG 9   A NH2 10  1_555 ? ? ? ? ? ? ? 1.316 ? ? 
covale3 covale both ? B ACE 1  C   ? ? ? 1_555 B GLU 2  N   ? ? B ACE 0   B GLU 1   1_555 ? ? ? ? ? ? ? 1.309 ? ? 
covale4 covale both ? B ARG 10 C   ? ? ? 1_555 B NH2 11 N   ? ? B ARG 9   B NH2 10  1_555 ? ? ? ? ? ? ? 1.332 ? ? 
metalc1 metalc ?    ? A HIS 6  NE2 ? ? ? 1_555 D DEU .  CO  ? ? A HIS 5   A DEU 101 1_555 ? ? ? ? ? ? ? 1.982 ? ? 
metalc2 metalc ?    ? D DEU .  CO  ? ? ? 1_555 B HIS 6  NE2 ? ? A DEU 101 B HIS 5   1_555 ? ? ? ? ? ? ? 1.925 ? ? 
# 
loop_
_struct_conn_type.id 
_struct_conn_type.criteria 
_struct_conn_type.reference 
covale ? ? 
metalc ? ? 
# 
loop_
_pdbx_struct_conn_angle.id 
_pdbx_struct_conn_angle.ptnr1_label_atom_id 
_pdbx_struct_conn_angle.ptnr1_label_alt_id 
_pdbx_struct_conn_angle.ptnr1_label_asym_id 
_pdbx_struct_conn_angle.ptnr1_label_comp_id 
_pdbx_struct_conn_angle.ptnr1_label_seq_id 
_pdbx_struct_conn_angle.ptnr1_auth_atom_id 
_pdbx_struct_conn_angle.ptnr1_auth_asym_id 
_pdbx_struct_conn_angle.ptnr1_auth_comp_id 
_pdbx_struct_conn_angle.ptnr1_auth_seq_id 
_pdbx_struct_conn_angle.ptnr1_PDB_ins_code 
_pdbx_struct_conn_angle.ptnr1_symmetry 
_pdbx_struct_conn_angle.ptnr2_label_atom_id 
_pdbx_struct_conn_angle.ptnr2_label_alt_id 
_pdbx_struct_conn_angle.ptnr2_label_asym_id 
_pdbx_struct_conn_angle.ptnr2_label_comp_id 
_pdbx_struct_conn_angle.ptnr2_label_seq_id 
_pdbx_struct_conn_angle.ptnr2_auth_atom_id 
_pdbx_struct_conn_angle.ptnr2_auth_asym_id 
_pdbx_struct_conn_angle.ptnr2_auth_comp_id 
_pdbx_struct_conn_angle.ptnr2_auth_seq_id 
_pdbx_struct_conn_angle.ptnr2_PDB_ins_code 
_pdbx_struct_conn_angle.ptnr2_symmetry 
_pdbx_struct_conn_angle.ptnr3_label_atom_id 
_pdbx_struct_conn_angle.ptnr3_label_alt_id 
_pdbx_struct_conn_angle.ptnr3_label_asym_id 
_pdbx_struct_conn_angle.ptnr3_label_comp_id 
_pdbx_struct_conn_angle.ptnr3_label_seq_id 
_pdbx_struct_conn_angle.ptnr3_auth_atom_id 
_pdbx_struct_conn_angle.ptnr3_auth_asym_id 
_pdbx_struct_conn_angle.ptnr3_auth_comp_id 
_pdbx_struct_conn_angle.ptnr3_auth_seq_id 
_pdbx_struct_conn_angle.ptnr3_PDB_ins_code 
_pdbx_struct_conn_angle.ptnr3_symmetry 
_pdbx_struct_conn_angle.value 
_pdbx_struct_conn_angle.value_esd 
1  NE2 ? A HIS 6 ? A HIS 5   ? 1_555 CO ? D DEU . ? A DEU 101 ? 1_555 NA  ? D DEU . ? A DEU 101 ? 1_555 91.3  ? 
2  NE2 ? A HIS 6 ? A HIS 5   ? 1_555 CO ? D DEU . ? A DEU 101 ? 1_555 NB  ? D DEU . ? A DEU 101 ? 1_555 89.1  ? 
3  NA  ? D DEU . ? A DEU 101 ? 1_555 CO ? D DEU . ? A DEU 101 ? 1_555 NB  ? D DEU . ? A DEU 101 ? 1_555 89.2  ? 
4  NE2 ? A HIS 6 ? A HIS 5   ? 1_555 CO ? D DEU . ? A DEU 101 ? 1_555 NC  ? D DEU . ? A DEU 101 ? 1_555 89.4  ? 
5  NA  ? D DEU . ? A DEU 101 ? 1_555 CO ? D DEU . ? A DEU 101 ? 1_555 NC  ? D DEU . ? A DEU 101 ? 1_555 179.3 ? 
6  NB  ? D DEU . ? A DEU 101 ? 1_555 CO ? D DEU . ? A DEU 101 ? 1_555 NC  ? D DEU . ? A DEU 101 ? 1_555 90.6  ? 
7  NE2 ? A HIS 6 ? A HIS 5   ? 1_555 CO ? D DEU . ? A DEU 101 ? 1_555 ND  ? D DEU . ? A DEU 101 ? 1_555 89.7  ? 
8  NA  ? D DEU . ? A DEU 101 ? 1_555 CO ? D DEU . ? A DEU 101 ? 1_555 ND  ? D DEU . ? A DEU 101 ? 1_555 89.8  ? 
9  NB  ? D DEU . ? A DEU 101 ? 1_555 CO ? D DEU . ? A DEU 101 ? 1_555 ND  ? D DEU . ? A DEU 101 ? 1_555 178.5 ? 
10 NC  ? D DEU . ? A DEU 101 ? 1_555 CO ? D DEU . ? A DEU 101 ? 1_555 ND  ? D DEU . ? A DEU 101 ? 1_555 90.4  ? 
11 NE2 ? A HIS 6 ? A HIS 5   ? 1_555 CO ? D DEU . ? A DEU 101 ? 1_555 NE2 ? B HIS 6 ? B HIS 5   ? 1_555 177.1 ? 
12 NA  ? D DEU . ? A DEU 101 ? 1_555 CO ? D DEU . ? A DEU 101 ? 1_555 NE2 ? B HIS 6 ? B HIS 5   ? 1_555 89.9  ? 
13 NB  ? D DEU . ? A DEU 101 ? 1_555 CO ? D DEU . ? A DEU 101 ? 1_555 NE2 ? B HIS 6 ? B HIS 5   ? 1_555 93.6  ? 
14 NC  ? D DEU . ? A DEU 101 ? 1_555 CO ? D DEU . ? A DEU 101 ? 1_555 NE2 ? B HIS 6 ? B HIS 5   ? 1_555 89.4  ? 
15 ND  ? D DEU . ? A DEU 101 ? 1_555 CO ? D DEU . ? A DEU 101 ? 1_555 NE2 ? B HIS 6 ? B HIS 5   ? 1_555 87.6  ? 
# 
loop_
_pdbx_modification_feature.ordinal 
_pdbx_modification_feature.label_comp_id 
_pdbx_modification_feature.label_asym_id 
_pdbx_modification_feature.label_seq_id 
_pdbx_modification_feature.label_alt_id 
_pdbx_modification_feature.modified_residue_label_comp_id 
_pdbx_modification_feature.modified_residue_label_asym_id 
_pdbx_modification_feature.modified_residue_label_seq_id 
_pdbx_modification_feature.modified_residue_label_alt_id 
_pdbx_modification_feature.auth_comp_id 
_pdbx_modification_feature.auth_asym_id 
_pdbx_modification_feature.auth_seq_id 
_pdbx_modification_feature.PDB_ins_code 
_pdbx_modification_feature.symmetry 
_pdbx_modification_feature.modified_residue_auth_comp_id 
_pdbx_modification_feature.modified_residue_auth_asym_id 
_pdbx_modification_feature.modified_residue_auth_seq_id 
_pdbx_modification_feature.modified_residue_PDB_ins_code 
_pdbx_modification_feature.modified_residue_symmetry 
_pdbx_modification_feature.comp_id_linking_atom 
_pdbx_modification_feature.modified_residue_id_linking_atom 
_pdbx_modification_feature.modified_residue_id 
_pdbx_modification_feature.ref_pcm_id 
_pdbx_modification_feature.ref_comp_id 
_pdbx_modification_feature.type 
_pdbx_modification_feature.category 
1 ACE A 1  ? GLU A 2  ? ACE A 0  ? 1_555 GLU A 1 ? 1_555 . . GLU 10 ACE None 'Terminal acetylation' 
2 ACE B 1  ? GLU B 2  ? ACE B 0  ? 1_555 GLU B 1 ? 1_555 . . GLU 10 ACE None 'Terminal acetylation' 
3 NH2 A 11 ? ARG A 10 ? NH2 A 10 ? 1_555 ARG A 9 ? 1_555 . . ARG 8  NH2 None 'Terminal amidation'   
4 NH2 B 11 ? ARG B 10 ? NH2 B 10 ? 1_555 ARG B 9 ? 1_555 . . ARG 8  NH2 None 'Terminal amidation'   
# 
loop_
_struct_site.id 
_struct_site.pdbx_evidence_code 
_struct_site.pdbx_auth_asym_id 
_struct_site.pdbx_auth_comp_id 
_struct_site.pdbx_auth_seq_id 
_struct_site.pdbx_auth_ins_code 
_struct_site.pdbx_num_residues 
_struct_site.details 
AC1 Software A CL  68  ? 4  'BINDING SITE FOR RESIDUE CL A 68'   
AC2 Software A DEU 101 ? 10 'BINDING SITE FOR RESIDUE DEU A 101' 
# 
loop_
_struct_site_gen.id 
_struct_site_gen.site_id 
_struct_site_gen.pdbx_num_res 
_struct_site_gen.label_comp_id 
_struct_site_gen.label_asym_id 
_struct_site_gen.label_seq_id 
_struct_site_gen.pdbx_auth_ins_code 
_struct_site_gen.auth_comp_id 
_struct_site_gen.auth_asym_id 
_struct_site_gen.auth_seq_id 
_struct_site_gen.label_atom_id 
_struct_site_gen.label_alt_id 
_struct_site_gen.symmetry 
_struct_site_gen.details 
1  AC1 4  LYS A 9  ? LYS A 8   . ? 12_544 ? 
2  AC1 4  LYS A 9  ? LYS A 8   . ? 1_555  ? 
3  AC1 4  LYS B 9  ? LYS B 8   . ? 12_544 ? 
4  AC1 4  LYS B 9  ? LYS B 8   . ? 1_555  ? 
5  AC2 10 ACE A 1  ? ACE A 0   . ? 11_555 ? 
6  AC2 10 HIS A 6  ? HIS A 5   . ? 1_555  ? 
7  AC2 10 LYS A 9  ? LYS A 8   . ? 1_555  ? 
8  AC2 10 ARG A 10 ? ARG A 9   . ? 1_555  ? 
9  AC2 10 HOH E .  ? HOH A 103 . ? 1_555  ? 
10 AC2 10 HOH E .  ? HOH A 104 . ? 1_555  ? 
11 AC2 10 GLU B 2  ? GLU B 1   . ? 8_435  ? 
12 AC2 10 HIS B 6  ? HIS B 5   . ? 1_555  ? 
13 AC2 10 LYS B 9  ? LYS B 8   . ? 1_555  ? 
14 AC2 10 ARG B 10 ? ARG B 9   . ? 8_435  ? 
# 
_pdbx_entry_details.entry_id                   1PYZ 
_pdbx_entry_details.compound_details           ? 
_pdbx_entry_details.source_details             ? 
_pdbx_entry_details.nonpolymer_details         ? 
_pdbx_entry_details.sequence_details           ? 
_pdbx_entry_details.has_ligand_of_interest     ? 
_pdbx_entry_details.has_protein_modification   Y 
# 
loop_
_pdbx_validate_close_contact.id 
_pdbx_validate_close_contact.PDB_model_num 
_pdbx_validate_close_contact.auth_atom_id_1 
_pdbx_validate_close_contact.auth_asym_id_1 
_pdbx_validate_close_contact.auth_comp_id_1 
_pdbx_validate_close_contact.auth_seq_id_1 
_pdbx_validate_close_contact.PDB_ins_code_1 
_pdbx_validate_close_contact.label_alt_id_1 
_pdbx_validate_close_contact.auth_atom_id_2 
_pdbx_validate_close_contact.auth_asym_id_2 
_pdbx_validate_close_contact.auth_comp_id_2 
_pdbx_validate_close_contact.auth_seq_id_2 
_pdbx_validate_close_contact.PDB_ins_code_2 
_pdbx_validate_close_contact.label_alt_id_2 
_pdbx_validate_close_contact.dist 
1 1 NZ A LYS 8 ? ? CGD A DEU 101 ? ? 1.34 
2 1 NZ B LYS 8 ? ? CGA A DEU 101 ? ? 1.38 
# 
loop_
_pdbx_struct_special_symmetry.id 
_pdbx_struct_special_symmetry.PDB_model_num 
_pdbx_struct_special_symmetry.auth_asym_id 
_pdbx_struct_special_symmetry.auth_comp_id 
_pdbx_struct_special_symmetry.auth_seq_id 
_pdbx_struct_special_symmetry.PDB_ins_code 
_pdbx_struct_special_symmetry.label_asym_id 
_pdbx_struct_special_symmetry.label_comp_id 
_pdbx_struct_special_symmetry.label_seq_id 
1 1 A CL  68 ? C CL  . 
2 1 B HOH 18 ? F HOH . 
3 1 B HOH 31 ? F HOH . 
# 
loop_
_chem_comp_atom.comp_id 
_chem_comp_atom.atom_id 
_chem_comp_atom.type_symbol 
_chem_comp_atom.pdbx_aromatic_flag 
_chem_comp_atom.pdbx_stereo_config 
_chem_comp_atom.pdbx_ordinal 
ACE C    C  N N 1   
ACE O    O  N N 2   
ACE CH3  C  N N 3   
ACE H    H  N N 4   
ACE H1   H  N N 5   
ACE H2   H  N N 6   
ACE H3   H  N N 7   
ARG N    N  N N 8   
ARG CA   C  N S 9   
ARG C    C  N N 10  
ARG O    O  N N 11  
ARG CB   C  N N 12  
ARG CG   C  N N 13  
ARG CD   C  N N 14  
ARG NE   N  N N 15  
ARG CZ   C  N N 16  
ARG NH1  N  N N 17  
ARG NH2  N  N N 18  
ARG OXT  O  N N 19  
ARG H    H  N N 20  
ARG H2   H  N N 21  
ARG HA   H  N N 22  
ARG HB2  H  N N 23  
ARG HB3  H  N N 24  
ARG HG2  H  N N 25  
ARG HG3  H  N N 26  
ARG HD2  H  N N 27  
ARG HD3  H  N N 28  
ARG HE   H  N N 29  
ARG HH11 H  N N 30  
ARG HH12 H  N N 31  
ARG HH21 H  N N 32  
ARG HH22 H  N N 33  
ARG HXT  H  N N 34  
ASN N    N  N N 35  
ASN CA   C  N S 36  
ASN C    C  N N 37  
ASN O    O  N N 38  
ASN CB   C  N N 39  
ASN CG   C  N N 40  
ASN OD1  O  N N 41  
ASN ND2  N  N N 42  
ASN OXT  O  N N 43  
ASN H    H  N N 44  
ASN H2   H  N N 45  
ASN HA   H  N N 46  
ASN HB2  H  N N 47  
ASN HB3  H  N N 48  
ASN HD21 H  N N 49  
ASN HD22 H  N N 50  
ASN HXT  H  N N 51  
CL  CL   CL N N 52  
DEU CMB  C  N N 53  
DEU CMC  C  N N 54  
DEU CMA  C  N N 55  
DEU CMD  C  N N 56  
DEU CAA  C  N N 57  
DEU CBA  C  N N 58  
DEU CGA  C  N N 59  
DEU O1A  O  N N 60  
DEU CAD  C  N N 61  
DEU CBD  C  N N 62  
DEU CGD  C  N N 63  
DEU O1D  O  N N 64  
DEU C2A  C  N N 65  
DEU C3A  C  N N 66  
DEU C4A  C  N N 67  
DEU NA   N  N N 68  
DEU C1A  C  N N 69  
DEU CHB  C  N N 70  
DEU C1B  C  N N 71  
DEU C2B  C  N N 72  
DEU C3B  C  N N 73  
DEU C4B  C  N N 74  
DEU NB   N  N N 75  
DEU CHC  C  N N 76  
DEU C1C  C  N N 77  
DEU C2C  C  N N 78  
DEU C3C  C  N N 79  
DEU C4C  C  N N 80  
DEU NC   N  N N 81  
DEU CHD  C  N N 82  
DEU C1D  C  Y N 83  
DEU C2D  C  Y N 84  
DEU C3D  C  Y N 85  
DEU C4D  C  Y N 86  
DEU ND   N  Y N 87  
DEU CHA  C  N N 88  
DEU CO   CO N S 89  
DEU O2D  O  N N 90  
DEU O2A  O  N N 91  
DEU HMB1 H  N N 92  
DEU HMB2 H  N N 93  
DEU HMB3 H  N N 94  
DEU HMC1 H  N N 95  
DEU HMC2 H  N N 96  
DEU HMC3 H  N N 97  
DEU HMA1 H  N N 98  
DEU HMA2 H  N N 99  
DEU HMA3 H  N N 100 
DEU HMD1 H  N N 101 
DEU HMD2 H  N N 102 
DEU HMD3 H  N N 103 
DEU HAA1 H  N N 104 
DEU HAA2 H  N N 105 
DEU HBA1 H  N N 106 
DEU HBA2 H  N N 107 
DEU HAD1 H  N N 108 
DEU HAD2 H  N N 109 
DEU HBD1 H  N N 110 
DEU HBD2 H  N N 111 
DEU HHB  H  N N 112 
DEU H2B  H  N N 113 
DEU HHC  H  N N 114 
DEU H2C  H  N N 115 
DEU HHD  H  N N 116 
DEU HHA  H  N N 117 
DEU H2D  H  N N 118 
DEU H2A  H  N N 119 
GLN N    N  N N 120 
GLN CA   C  N S 121 
GLN C    C  N N 122 
GLN O    O  N N 123 
GLN CB   C  N N 124 
GLN CG   C  N N 125 
GLN CD   C  N N 126 
GLN OE1  O  N N 127 
GLN NE2  N  N N 128 
GLN OXT  O  N N 129 
GLN H    H  N N 130 
GLN H2   H  N N 131 
GLN HA   H  N N 132 
GLN HB2  H  N N 133 
GLN HB3  H  N N 134 
GLN HG2  H  N N 135 
GLN HG3  H  N N 136 
GLN HE21 H  N N 137 
GLN HE22 H  N N 138 
GLN HXT  H  N N 139 
GLU N    N  N N 140 
GLU CA   C  N S 141 
GLU C    C  N N 142 
GLU O    O  N N 143 
GLU CB   C  N N 144 
GLU CG   C  N N 145 
GLU CD   C  N N 146 
GLU OE1  O  N N 147 
GLU OE2  O  N N 148 
GLU OXT  O  N N 149 
GLU H    H  N N 150 
GLU H2   H  N N 151 
GLU HA   H  N N 152 
GLU HB2  H  N N 153 
GLU HB3  H  N N 154 
GLU HG2  H  N N 155 
GLU HG3  H  N N 156 
GLU HE2  H  N N 157 
GLU HXT  H  N N 158 
HIS N    N  N N 159 
HIS CA   C  N S 160 
HIS C    C  N N 161 
HIS O    O  N N 162 
HIS CB   C  N N 163 
HIS CG   C  Y N 164 
HIS ND1  N  Y N 165 
HIS CD2  C  Y N 166 
HIS CE1  C  Y N 167 
HIS NE2  N  Y N 168 
HIS OXT  O  N N 169 
HIS H    H  N N 170 
HIS H2   H  N N 171 
HIS HA   H  N N 172 
HIS HB2  H  N N 173 
HIS HB3  H  N N 174 
HIS HD1  H  N N 175 
HIS HD2  H  N N 176 
HIS HE1  H  N N 177 
HIS HE2  H  N N 178 
HIS HXT  H  N N 179 
HOH O    O  N N 180 
HOH H1   H  N N 181 
HOH H2   H  N N 182 
LEU N    N  N N 183 
LEU CA   C  N S 184 
LEU C    C  N N 185 
LEU O    O  N N 186 
LEU CB   C  N N 187 
LEU CG   C  N N 188 
LEU CD1  C  N N 189 
LEU CD2  C  N N 190 
LEU OXT  O  N N 191 
LEU H    H  N N 192 
LEU H2   H  N N 193 
LEU HA   H  N N 194 
LEU HB2  H  N N 195 
LEU HB3  H  N N 196 
LEU HG   H  N N 197 
LEU HD11 H  N N 198 
LEU HD12 H  N N 199 
LEU HD13 H  N N 200 
LEU HD21 H  N N 201 
LEU HD22 H  N N 202 
LEU HD23 H  N N 203 
LEU HXT  H  N N 204 
LYS N    N  N N 205 
LYS CA   C  N S 206 
LYS C    C  N N 207 
LYS O    O  N N 208 
LYS CB   C  N N 209 
LYS CG   C  N N 210 
LYS CD   C  N N 211 
LYS CE   C  N N 212 
LYS NZ   N  N N 213 
LYS OXT  O  N N 214 
LYS H    H  N N 215 
LYS H2   H  N N 216 
LYS HA   H  N N 217 
LYS HB2  H  N N 218 
LYS HB3  H  N N 219 
LYS HG2  H  N N 220 
LYS HG3  H  N N 221 
LYS HD2  H  N N 222 
LYS HD3  H  N N 223 
LYS HE2  H  N N 224 
LYS HE3  H  N N 225 
LYS HZ1  H  N N 226 
LYS HZ2  H  N N 227 
LYS HZ3  H  N N 228 
LYS HXT  H  N N 229 
NH2 N    N  N N 230 
NH2 HN1  H  N N 231 
NH2 HN2  H  N N 232 
SER N    N  N N 233 
SER CA   C  N S 234 
SER C    C  N N 235 
SER O    O  N N 236 
SER CB   C  N N 237 
SER OG   O  N N 238 
SER OXT  O  N N 239 
SER H    H  N N 240 
SER H2   H  N N 241 
SER HA   H  N N 242 
SER HB2  H  N N 243 
SER HB3  H  N N 244 
SER HG   H  N N 245 
SER HXT  H  N N 246 
# 
loop_
_chem_comp_bond.comp_id 
_chem_comp_bond.atom_id_1 
_chem_comp_bond.atom_id_2 
_chem_comp_bond.value_order 
_chem_comp_bond.pdbx_aromatic_flag 
_chem_comp_bond.pdbx_stereo_config 
_chem_comp_bond.pdbx_ordinal 
ACE C   O    doub N N 1   
ACE C   CH3  sing N N 2   
ACE C   H    sing N N 3   
ACE CH3 H1   sing N N 4   
ACE CH3 H2   sing N N 5   
ACE CH3 H3   sing N N 6   
ARG N   CA   sing N N 7   
ARG N   H    sing N N 8   
ARG N   H2   sing N N 9   
ARG CA  C    sing N N 10  
ARG CA  CB   sing N N 11  
ARG CA  HA   sing N N 12  
ARG C   O    doub N N 13  
ARG C   OXT  sing N N 14  
ARG CB  CG   sing N N 15  
ARG CB  HB2  sing N N 16  
ARG CB  HB3  sing N N 17  
ARG CG  CD   sing N N 18  
ARG CG  HG2  sing N N 19  
ARG CG  HG3  sing N N 20  
ARG CD  NE   sing N N 21  
ARG CD  HD2  sing N N 22  
ARG CD  HD3  sing N N 23  
ARG NE  CZ   sing N N 24  
ARG NE  HE   sing N N 25  
ARG CZ  NH1  sing N N 26  
ARG CZ  NH2  doub N N 27  
ARG NH1 HH11 sing N N 28  
ARG NH1 HH12 sing N N 29  
ARG NH2 HH21 sing N N 30  
ARG NH2 HH22 sing N N 31  
ARG OXT HXT  sing N N 32  
ASN N   CA   sing N N 33  
ASN N   H    sing N N 34  
ASN N   H2   sing N N 35  
ASN CA  C    sing N N 36  
ASN CA  CB   sing N N 37  
ASN CA  HA   sing N N 38  
ASN C   O    doub N N 39  
ASN C   OXT  sing N N 40  
ASN CB  CG   sing N N 41  
ASN CB  HB2  sing N N 42  
ASN CB  HB3  sing N N 43  
ASN CG  OD1  doub N N 44  
ASN CG  ND2  sing N N 45  
ASN ND2 HD21 sing N N 46  
ASN ND2 HD22 sing N N 47  
ASN OXT HXT  sing N N 48  
DEU CMB C3B  sing N N 49  
DEU CMB HMB1 sing N N 50  
DEU CMB HMB2 sing N N 51  
DEU CMB HMB3 sing N N 52  
DEU CMC C3C  sing N N 53  
DEU CMC HMC1 sing N N 54  
DEU CMC HMC2 sing N N 55  
DEU CMC HMC3 sing N N 56  
DEU CMA C3A  sing N N 57  
DEU CMA HMA1 sing N N 58  
DEU CMA HMA2 sing N N 59  
DEU CMA HMA3 sing N N 60  
DEU CMD C2D  sing N N 61  
DEU CMD HMD1 sing N N 62  
DEU CMD HMD2 sing N N 63  
DEU CMD HMD3 sing N N 64  
DEU CAA CBA  sing N N 65  
DEU CAA C2A  sing N N 66  
DEU CAA HAA1 sing N N 67  
DEU CAA HAA2 sing N N 68  
DEU CBA CGA  sing N N 69  
DEU CBA HBA1 sing N N 70  
DEU CBA HBA2 sing N N 71  
DEU CGA O1A  doub N N 72  
DEU CGA O2A  sing N N 73  
DEU CAD CBD  sing N N 74  
DEU CAD C3D  sing N N 75  
DEU CAD HAD1 sing N N 76  
DEU CAD HAD2 sing N N 77  
DEU CBD CGD  sing N N 78  
DEU CBD HBD1 sing N N 79  
DEU CBD HBD2 sing N N 80  
DEU CGD O1D  doub N N 81  
DEU CGD O2D  sing N N 82  
DEU C2A C3A  doub N N 83  
DEU C2A C1A  sing N N 84  
DEU C3A C4A  sing N N 85  
DEU C4A NA   doub N N 86  
DEU C4A CHB  sing N N 87  
DEU NA  C1A  sing N N 88  
DEU NA  CO   sing N N 89  
DEU C1A CHA  doub N N 90  
DEU CHB C1B  doub N N 91  
DEU CHB HHB  sing N N 92  
DEU C1B C2B  sing N N 93  
DEU C1B NB   sing N N 94  
DEU C2B C3B  doub N N 95  
DEU C2B H2B  sing N N 96  
DEU C3B C4B  sing N N 97  
DEU C4B NB   sing N N 98  
DEU C4B CHC  doub N N 99  
DEU NB  CO   sing N N 100 
DEU CHC C1C  sing N N 101 
DEU CHC HHC  sing N N 102 
DEU C1C C2C  sing N N 103 
DEU C1C NC   doub N N 104 
DEU C2C C3C  doub N N 105 
DEU C2C H2C  sing N N 106 
DEU C3C C4C  sing N N 107 
DEU C4C NC   sing N N 108 
DEU C4C CHD  doub N N 109 
DEU NC  CO   sing N N 110 
DEU CHD C1D  sing N N 111 
DEU CHD HHD  sing N N 112 
DEU C1D C2D  doub Y N 113 
DEU C1D ND   sing Y N 114 
DEU C2D C3D  sing Y N 115 
DEU C3D C4D  doub Y N 116 
DEU C4D ND   sing Y N 117 
DEU C4D CHA  sing N N 118 
DEU ND  CO   sing N N 119 
DEU CHA HHA  sing N N 120 
DEU O2D H2D  sing N N 121 
DEU O2A H2A  sing N N 122 
GLN N   CA   sing N N 123 
GLN N   H    sing N N 124 
GLN N   H2   sing N N 125 
GLN CA  C    sing N N 126 
GLN CA  CB   sing N N 127 
GLN CA  HA   sing N N 128 
GLN C   O    doub N N 129 
GLN C   OXT  sing N N 130 
GLN CB  CG   sing N N 131 
GLN CB  HB2  sing N N 132 
GLN CB  HB3  sing N N 133 
GLN CG  CD   sing N N 134 
GLN CG  HG2  sing N N 135 
GLN CG  HG3  sing N N 136 
GLN CD  OE1  doub N N 137 
GLN CD  NE2  sing N N 138 
GLN NE2 HE21 sing N N 139 
GLN NE2 HE22 sing N N 140 
GLN OXT HXT  sing N N 141 
GLU N   CA   sing N N 142 
GLU N   H    sing N N 143 
GLU N   H2   sing N N 144 
GLU CA  C    sing N N 145 
GLU CA  CB   sing N N 146 
GLU CA  HA   sing N N 147 
GLU C   O    doub N N 148 
GLU C   OXT  sing N N 149 
GLU CB  CG   sing N N 150 
GLU CB  HB2  sing N N 151 
GLU CB  HB3  sing N N 152 
GLU CG  CD   sing N N 153 
GLU CG  HG2  sing N N 154 
GLU CG  HG3  sing N N 155 
GLU CD  OE1  doub N N 156 
GLU CD  OE2  sing N N 157 
GLU OE2 HE2  sing N N 158 
GLU OXT HXT  sing N N 159 
HIS N   CA   sing N N 160 
HIS N   H    sing N N 161 
HIS N   H2   sing N N 162 
HIS CA  C    sing N N 163 
HIS CA  CB   sing N N 164 
HIS CA  HA   sing N N 165 
HIS C   O    doub N N 166 
HIS C   OXT  sing N N 167 
HIS CB  CG   sing N N 168 
HIS CB  HB2  sing N N 169 
HIS CB  HB3  sing N N 170 
HIS CG  ND1  sing Y N 171 
HIS CG  CD2  doub Y N 172 
HIS ND1 CE1  doub Y N 173 
HIS ND1 HD1  sing N N 174 
HIS CD2 NE2  sing Y N 175 
HIS CD2 HD2  sing N N 176 
HIS CE1 NE2  sing Y N 177 
HIS CE1 HE1  sing N N 178 
HIS NE2 HE2  sing N N 179 
HIS OXT HXT  sing N N 180 
HOH O   H1   sing N N 181 
HOH O   H2   sing N N 182 
LEU N   CA   sing N N 183 
LEU N   H    sing N N 184 
LEU N   H2   sing N N 185 
LEU CA  C    sing N N 186 
LEU CA  CB   sing N N 187 
LEU CA  HA   sing N N 188 
LEU C   O    doub N N 189 
LEU C   OXT  sing N N 190 
LEU CB  CG   sing N N 191 
LEU CB  HB2  sing N N 192 
LEU CB  HB3  sing N N 193 
LEU CG  CD1  sing N N 194 
LEU CG  CD2  sing N N 195 
LEU CG  HG   sing N N 196 
LEU CD1 HD11 sing N N 197 
LEU CD1 HD12 sing N N 198 
LEU CD1 HD13 sing N N 199 
LEU CD2 HD21 sing N N 200 
LEU CD2 HD22 sing N N 201 
LEU CD2 HD23 sing N N 202 
LEU OXT HXT  sing N N 203 
LYS N   CA   sing N N 204 
LYS N   H    sing N N 205 
LYS N   H2   sing N N 206 
LYS CA  C    sing N N 207 
LYS CA  CB   sing N N 208 
LYS CA  HA   sing N N 209 
LYS C   O    doub N N 210 
LYS C   OXT  sing N N 211 
LYS CB  CG   sing N N 212 
LYS CB  HB2  sing N N 213 
LYS CB  HB3  sing N N 214 
LYS CG  CD   sing N N 215 
LYS CG  HG2  sing N N 216 
LYS CG  HG3  sing N N 217 
LYS CD  CE   sing N N 218 
LYS CD  HD2  sing N N 219 
LYS CD  HD3  sing N N 220 
LYS CE  NZ   sing N N 221 
LYS CE  HE2  sing N N 222 
LYS CE  HE3  sing N N 223 
LYS NZ  HZ1  sing N N 224 
LYS NZ  HZ2  sing N N 225 
LYS NZ  HZ3  sing N N 226 
LYS OXT HXT  sing N N 227 
NH2 N   HN1  sing N N 228 
NH2 N   HN2  sing N N 229 
SER N   CA   sing N N 230 
SER N   H    sing N N 231 
SER N   H2   sing N N 232 
SER CA  C    sing N N 233 
SER CA  CB   sing N N 234 
SER CA  HA   sing N N 235 
SER C   O    doub N N 236 
SER C   OXT  sing N N 237 
SER CB  OG   sing N N 238 
SER CB  HB2  sing N N 239 
SER CB  HB3  sing N N 240 
SER OG  HG   sing N N 241 
SER OXT HXT  sing N N 242 
# 
_atom_sites.entry_id                    1PYZ 
_atom_sites.fract_transf_matrix[1][1]   0.00051538 
_atom_sites.fract_transf_matrix[1][2]   -0.01667457 
_atom_sites.fract_transf_matrix[1][3]   -0.00566977 
_atom_sites.fract_transf_matrix[2][1]   -0.01223028 
_atom_sites.fract_transf_matrix[2][2]   -0.00586306 
_atom_sites.fract_transf_matrix[2][3]   -0.01124607 
_atom_sites.fract_transf_matrix[3][1]   0.02438960 
_atom_sites.fract_transf_matrix[3][2]   0.01187835 
_atom_sites.fract_transf_matrix[3][3]   -0.03271677 
_atom_sites.fract_transf_vector[1]      -0.570394 
_atom_sites.fract_transf_vector[2]      -0.863504 
_atom_sites.fract_transf_vector[3]      -0.070214 
# 
loop_
_atom_type.symbol 
C  
CL 
CO 
H  
N  
O  
# 
loop_
_atom_site.group_PDB 
_atom_site.id 
_atom_site.type_symbol 
_atom_site.label_atom_id 
_atom_site.label_alt_id 
_atom_site.label_comp_id 
_atom_site.label_asym_id 
_atom_site.label_entity_id 
_atom_site.label_seq_id 
_atom_site.pdbx_PDB_ins_code 
_atom_site.Cartn_x 
_atom_site.Cartn_y 
_atom_site.Cartn_z 
_atom_site.occupancy 
_atom_site.B_iso_or_equiv 
_atom_site.pdbx_formal_charge 
_atom_site.auth_seq_id 
_atom_site.auth_comp_id 
_atom_site.auth_asym_id 
_atom_site.auth_atom_id 
_atom_site.pdbx_PDB_model_num 
HETATM 1   C  C    . ACE A 1 1  ? 5.555  -9.812  -3.797  1.00 14.51 ? 0   ACE A C    1 
HETATM 2   O  O    . ACE A 1 1  ? 4.421  -10.092 -3.272  1.00 15.09 ? 0   ACE A O    1 
HETATM 3   C  CH3  . ACE A 1 1  ? 6.787  -10.789 -3.761  1.00 14.85 ? 0   ACE A CH3  1 
HETATM 4   H  H1   . ACE A 1 1  ? 7.533  -10.380 -4.206  1.00 22.27 ? 0   ACE A H1   1 
HETATM 5   H  H2   . ACE A 1 1  ? 6.559  -11.609 -4.207  1.00 22.27 ? 0   ACE A H2   1 
HETATM 6   H  H3   . ACE A 1 1  ? 7.021  -10.977 -2.850  1.00 22.27 ? 0   ACE A H3   1 
ATOM   7   N  N    . GLU A 1 2  ? 5.788  -8.615  -4.311  1.00 13.09 ? 1   GLU A N    1 
ATOM   8   C  CA   . GLU A 1 2  ? 4.804  -7.550  -4.374  1.00 16.56 ? 1   GLU A CA   1 
ATOM   9   C  C    . GLU A 1 2  ? 3.724  -7.901  -5.372  1.00 13.65 ? 1   GLU A C    1 
ATOM   10  O  O    . GLU A 1 2  ? 4.006  -8.348  -6.495  1.00 14.79 ? 1   GLU A O    1 
ATOM   11  C  CB   . GLU A 1 2  ? 5.489  -6.249  -4.788  1.00 14.66 ? 1   GLU A CB   1 
ATOM   12  C  CG   . GLU A 1 2  ? 4.591  -5.042  -4.871  1.00 14.10 ? 1   GLU A CG   1 
ATOM   13  C  CD   . GLU A 1 2  ? 5.313  -3.782  -5.308  1.00 17.64 ? 1   GLU A CD   1 
ATOM   14  O  OE1  . GLU A 1 2  ? 6.422  -3.847  -5.895  1.00 18.63 ? 1   GLU A OE1  1 
ATOM   15  O  OE2  . GLU A 1 2  ? 4.761  -2.700  -5.001  1.00 15.83 ? 1   GLU A OE2  1 
ATOM   16  H  H    . GLU A 1 2  ? 6.572  -8.459  -4.627  1.00 15.71 ? 1   GLU A H    1 
ATOM   17  H  HA   . GLU A 1 2  ? 4.398  -7.433  -3.490  1.00 19.87 ? 1   GLU A HA   1 
ATOM   18  H  HB2  . GLU A 1 2  ? 6.197  -6.062  -4.153  1.00 17.59 ? 1   GLU A HB2  1 
ATOM   19  H  HB3  . GLU A 1 2  ? 5.903  -6.384  -5.654  1.00 17.59 ? 1   GLU A HB3  1 
ATOM   20  H  HG2  . GLU A 1 2  ? 3.874  -5.227  -5.497  1.00 16.93 ? 1   GLU A HG2  1 
ATOM   21  H  HG3  . GLU A 1 2  ? 4.192  -4.888  -4.001  1.00 16.93 ? 1   GLU A HG3  1 
ATOM   22  N  N    . SER A 1 3  ? 2.460  -7.662  -5.014  1.00 13.09 ? 2   SER A N    1 
ATOM   23  C  CA   . SER A 1 3  ? 1.387  -7.874  -5.943  1.00 13.09 ? 2   SER A CA   1 
ATOM   24  C  C    . SER A 1 3  ? 1.357  -6.858  -7.070  1.00 12.36 ? 2   SER A C    1 
ATOM   25  O  O    . SER A 1 3  ? 1.800  -5.734  -6.958  1.00 13.65 ? 2   SER A O    1 
ATOM   26  C  CB   . SER A 1 3  ? 0.015  -7.823  -5.231  1.00 14.31 ? 2   SER A CB   1 
ATOM   27  O  OG   . SER A 1 3  ? -0.273 -6.524  -4.803  1.00 13.28 ? 2   SER A OG   1 
ATOM   28  H  H    . SER A 1 3  ? 2.287  -7.380  -4.221  1.00 15.71 ? 2   SER A H    1 
ATOM   29  H  HA   . SER A 1 3  ? 1.495  -8.765  -6.337  1.00 15.71 ? 2   SER A HA   1 
ATOM   30  H  HB2  . SER A 1 3  ? -0.677 -8.125  -5.840  1.00 17.18 ? 2   SER A HB2  1 
ATOM   31  H  HB3  . SER A 1 3  ? 0.025  -8.422  -4.467  1.00 17.18 ? 2   SER A HB3  1 
ATOM   32  H  HG   . SER A 1 3  ? -1.001 -6.516  -4.424  1.00 19.92 ? 2   SER A HG   1 
ATOM   33  N  N    . GLN A 1 4  ? 0.779  -7.278  -8.192  1.00 16.41 ? 3   GLN A N    1 
ATOM   34  C  CA   . GLN A 1 4  ? 0.562  -6.362  -9.303  1.00 17.23 ? 3   GLN A CA   1 
ATOM   35  C  C    . GLN A 1 4  ? -0.339 -5.209  -8.881  1.00 13.52 ? 3   GLN A C    1 
ATOM   36  O  O    . GLN A 1 4  ? -0.150 -4.075  -9.216  1.00 15.08 ? 3   GLN A O    1 
ATOM   37  C  CB   . GLN A 1 4  ? -0.041 -7.094  -10.524 1.00 24.20 ? 3   GLN A CB   1 
ATOM   38  C  CG   . GLN A 1 4  ? 0.889  -8.119  -11.168 1.00 30.72 ? 3   GLN A CG   1 
ATOM   39  C  CD   . GLN A 1 4  ? 0.190  -8.927  -12.258 1.00 41.39 ? 3   GLN A CD   1 
ATOM   40  O  OE1  . GLN A 1 4  ? -0.634 -8.453  -13.048 1.00 49.01 ? 3   GLN A OE1  1 
ATOM   41  N  NE2  . GLN A 1 4  ? 0.525  -10.206 -12.303 1.00 30.88 ? 3   GLN A NE2  1 
ATOM   42  H  H    . GLN A 1 4  ? 0.532  -8.098  -8.262  1.00 19.69 ? 3   GLN A H    1 
ATOM   43  H  HA   . GLN A 1 4  ? 1.430  -5.990  -9.567  1.00 20.68 ? 3   GLN A HA   1 
ATOM   44  H  HB2  . GLN A 1 4  ? -0.853 -7.543  -10.244 1.00 29.04 ? 3   GLN A HB2  1 
ATOM   45  H  HB3  . GLN A 1 4  ? -0.285 -6.433  -11.191 1.00 29.04 ? 3   GLN A HB3  1 
ATOM   46  H  HG2  . GLN A 1 4  ? 1.652  -7.658  -11.553 1.00 36.86 ? 3   GLN A HG2  1 
ATOM   47  H  HG3  . GLN A 1 4  ? 1.219  -8.722  -10.485 1.00 36.86 ? 3   GLN A HG3  1 
ATOM   48  H  HE21 . GLN A 1 4  ? 0.167  -10.723 -12.890 1.00 37.06 ? 3   GLN A HE21 1 
ATOM   49  H  HE22 . GLN A 1 4  ? 1.099  -10.520 -11.745 1.00 37.06 ? 3   GLN A HE22 1 
ATOM   50  N  N    . LEU A 1 5  ? -1.360 -5.569  -8.090  1.00 13.20 ? 4   LEU A N    1 
ATOM   51  C  CA   . LEU A 1 5  ? -2.254 -4.536  -7.571  1.00 14.86 ? 4   LEU A CA   1 
ATOM   52  C  C    . LEU A 1 5  ? -1.484 -3.473  -6.824  1.00 12.86 ? 4   LEU A C    1 
ATOM   53  O  O    . LEU A 1 5  ? -1.624 -2.267  -7.051  1.00 13.60 ? 4   LEU A O    1 
ATOM   54  C  CB   . LEU A 1 5  ? -3.291 -5.204  -6.664  1.00 14.22 ? 4   LEU A CB   1 
ATOM   55  C  CG   . LEU A 1 5  ? -4.238 -4.266  -5.924  1.00 13.72 ? 4   LEU A CG   1 
ATOM   56  C  CD1  . LEU A 1 5  ? -5.068 -3.478  -6.919  1.00 17.56 ? 4   LEU A CD1  1 
ATOM   57  C  CD2  . LEU A 1 5  ? -5.092 -5.081  -4.963  1.00 15.82 ? 4   LEU A CD2  1 
ATOM   58  H  H    . LEU A 1 5  ? -1.488 -6.396  -7.891  1.00 15.83 ? 4   LEU A H    1 
ATOM   59  H  HA   . LEU A 1 5  ? -2.719 -4.118  -8.325  1.00 17.84 ? 4   LEU A HA   1 
ATOM   60  H  HB2  . LEU A 1 5  ? -3.823 -5.810  -7.204  1.00 17.06 ? 4   LEU A HB2  1 
ATOM   61  H  HB3  . LEU A 1 5  ? -2.819 -5.740  -6.007  1.00 17.06 ? 4   LEU A HB3  1 
ATOM   62  H  HG   . LEU A 1 5  ? -3.702 -3.635  -5.402  1.00 16.46 ? 4   LEU A HG   1 
ATOM   63  H  HD11 . LEU A 1 5  ? -5.657 -2.885  -6.445  1.00 26.34 ? 4   LEU A HD11 1 
ATOM   64  H  HD12 . LEU A 1 5  ? -5.587 -4.084  -7.454  1.00 26.34 ? 4   LEU A HD12 1 
ATOM   65  H  HD13 . LEU A 1 5  ? -4.487 -2.967  -7.487  1.00 26.34 ? 4   LEU A HD13 1 
ATOM   66  H  HD21 . LEU A 1 5  ? -5.668 -4.493  -4.469  1.00 23.73 ? 4   LEU A HD21 1 
ATOM   67  H  HD22 . LEU A 1 5  ? -5.624 -5.708  -5.459  1.00 23.73 ? 4   LEU A HD22 1 
ATOM   68  H  HD23 . LEU A 1 5  ? -4.523 -5.558  -4.354  1.00 23.73 ? 4   LEU A HD23 1 
ATOM   69  N  N    . HIS A 1 6  ? -0.598 -3.879  -5.917  1.00 11.00 ? 5   HIS A N    1 
ATOM   70  C  CA   . HIS A 1 6  ? 0.177  -2.929  -5.121  1.00 13.49 ? 5   HIS A CA   1 
ATOM   71  C  C    . HIS A 1 6  ? 1.167  -2.093  -5.950  1.00 11.60 ? 5   HIS A C    1 
ATOM   72  O  O    . HIS A 1 6  ? 1.348  -0.905  -5.740  1.00 12.27 ? 5   HIS A O    1 
ATOM   73  C  CB   . HIS A 1 6  ? 0.919  -3.655  -4.004  1.00 11.72 ? 5   HIS A CB   1 
ATOM   74  C  CG   . HIS A 1 6  ? 1.511  -2.739  -2.991  1.00 11.74 ? 5   HIS A CG   1 
ATOM   75  N  ND1  . HIS A 1 6  ? 2.832  -2.300  -3.079  1.00 12.55 ? 5   HIS A ND1  1 
ATOM   76  C  CD2  . HIS A 1 6  ? 1.010  -2.138  -1.882  1.00 11.81 ? 5   HIS A CD2  1 
ATOM   77  C  CE1  . HIS A 1 6  ? 3.105  -1.487  -2.090  1.00 13.32 ? 5   HIS A CE1  1 
ATOM   78  N  NE2  . HIS A 1 6  ? 2.028  -1.351  -1.333  1.00 13.30 ? 5   HIS A NE2  1 
ATOM   79  H  H    . HIS A 1 6  ? -0.477 -4.723  -5.797  1.00 13.20 ? 5   HIS A H    1 
ATOM   80  H  HA   . HIS A 1 6  ? -0.456 -2.310  -4.701  1.00 16.19 ? 5   HIS A HA   1 
ATOM   81  H  HB2  . HIS A 1 6  ? 0.304  -4.259  -3.559  1.00 14.07 ? 5   HIS A HB2  1 
ATOM   82  H  HB3  . HIS A 1 6  ? 1.628  -4.191  -4.395  1.00 14.07 ? 5   HIS A HB3  1 
ATOM   83  H  HD1  . HIS A 1 6  ? 3.387  -2.530  -3.694  1.00 15.06 ? 5   HIS A HD1  1 
ATOM   84  H  HD2  . HIS A 1 6  ? 0.147  -2.233  -1.549  1.00 14.18 ? 5   HIS A HD2  1 
ATOM   85  H  HE1  . HIS A 1 6  ? 3.923  -1.072  -1.944  1.00 15.99 ? 5   HIS A HE1  1 
ATOM   86  N  N    . SER A 1 7  ? 1.795  -2.833  -6.894  1.00 14.12 ? 6   SER A N    1 
ATOM   87  C  CA   . SER A 1 7  ? 2.690  -2.146  -7.821  1.00 15.51 ? 6   SER A CA   1 
ATOM   88  C  C    . SER A 1 7  ? 1.946  -1.047  -8.601  1.00 15.81 ? 6   SER A C    1 
ATOM   89  O  O    . SER A 1 7  ? 2.497  0.047   -8.751  1.00 18.04 ? 6   SER A O    1 
ATOM   90  C  CB   . SER A 1 7  ? 3.273  -3.154  -8.829  1.00 17.33 ? 6   SER A CB   1 
ATOM   91  O  OG   . SER A 1 7  ? 4.187  -4.000  -8.133  1.00 32.42 ? 6   SER A OG   1 
ATOM   92  H  H    . SER A 1 7  ? 1.672  -3.683  -6.945  1.00 16.94 ? 6   SER A H    1 
ATOM   93  H  HA   . SER A 1 7  ? 3.424  -1.738  -7.316  1.00 18.62 ? 6   SER A HA   1 
ATOM   94  H  HB2  . SER A 1 7  ? 2.562  -3.685  -9.219  1.00 20.79 ? 6   SER A HB2  1 
ATOM   95  H  HB3  . SER A 1 7  ? 3.733  -2.685  -9.543  1.00 20.79 ? 6   SER A HB3  1 
ATOM   96  H  HG   . SER A 1 7  ? 3.796  -4.380  -7.522  1.00 48.63 ? 6   SER A HG   1 
ATOM   97  N  N    . ASN A 1 8  ? 0.731  -1.322  -9.045  1.00 14.42 ? 7   ASN A N    1 
ATOM   98  C  CA   . ASN A 1 8  ? -0.065 -0.278  -9.748  1.00 17.65 ? 7   ASN A CA   1 
ATOM   99  C  C    . ASN A 1 8  ? -0.420 0.855   -8.801  1.00 22.10 ? 7   ASN A C    1 
ATOM   100 O  O    . ASN A 1 8  ? -0.401 2.048   -9.158  1.00 19.39 ? 7   ASN A O    1 
ATOM   101 C  CB   . ASN A 1 8  ? -1.267 -0.924  -10.365 1.00 19.54 ? 7   ASN A CB   1 
ATOM   102 C  CG   . ASN A 1 8  ? -0.929 -1.924  -11.452 1.00 24.50 ? 7   ASN A CG   1 
ATOM   103 O  OD1  . ASN A 1 8  ? 0.160  -1.872  -12.015 1.00 32.97 ? 7   ASN A OD1  1 
ATOM   104 N  ND2  . ASN A 1 8  ? -1.860 -2.835  -11.673 1.00 32.43 ? 7   ASN A ND2  1 
ATOM   105 H  H    . ASN A 1 8  ? 0.401  -2.107  -8.928  1.00 17.31 ? 7   ASN A H    1 
ATOM   106 H  HA   . ASN A 1 8  ? 0.486  0.091   -10.470 1.00 21.18 ? 7   ASN A HA   1 
ATOM   107 H  HB2  . ASN A 1 8  ? -1.771 -1.376  -9.670  1.00 23.45 ? 7   ASN A HB2  1 
ATOM   108 H  HB3  . ASN A 1 8  ? -1.836 -0.235  -10.741 1.00 23.45 ? 7   ASN A HB3  1 
ATOM   109 H  HD21 . ASN A 1 8  ? -1.726 -3.457  -12.252 1.00 38.92 ? 7   ASN A HD21 1 
ATOM   110 H  HD22 . ASN A 1 8  ? -2.602 -2.806  -11.239 1.00 38.92 ? 7   ASN A HD22 1 
ATOM   111 N  N    . LYS A 1 9  ? -0.690 0.578   -7.519  1.00 14.70 ? 8   LYS A N    1 
ATOM   112 C  CA   . LYS A 1 9  ? -1.032 1.641   -6.600  1.00 15.35 ? 8   LYS A CA   1 
ATOM   113 C  C    . LYS A 1 9  ? 0.157  2.528   -6.266  1.00 19.63 ? 8   LYS A C    1 
ATOM   114 O  O    . LYS A 1 9  ? -0.025 3.749   -6.123  1.00 18.41 ? 8   LYS A O    1 
ATOM   115 C  CB   . LYS A 1 9  ? -1.610 1.052   -5.282  1.00 14.16 ? 8   LYS A CB   1 
ATOM   116 C  CG   . LYS A 1 9  ? -2.988 0.422   -5.506  1.00 15.96 ? 8   LYS A CG   1 
ATOM   117 C  CD   . LYS A 1 9  ? -3.597 -0.089  -4.195  1.00 12.92 ? 8   LYS A CD   1 
ATOM   118 C  CE   . LYS A 1 9  ? -2.816 -1.215  -3.594  1.00 11.66 ? 8   LYS A CE   1 
ATOM   119 N  NZ   . LYS A 1 9  ? -3.463 -1.705  -2.350  1.00 10.94 ? 8   LYS A NZ   1 
ATOM   120 H  H    . LYS A 1 9  ? -0.660 -0.234  -7.241  1.00 17.64 ? 8   LYS A H    1 
ATOM   121 H  HA   . LYS A 1 9  ? -1.722 2.198   -7.017  1.00 18.42 ? 8   LYS A HA   1 
ATOM   122 H  HB2  . LYS A 1 9  ? -1.001 0.378   -4.938  1.00 17.00 ? 8   LYS A HB2  1 
ATOM   123 H  HB3  . LYS A 1 9  ? -1.683 1.756   -4.620  1.00 17.00 ? 8   LYS A HB3  1 
ATOM   124 H  HG2  . LYS A 1 9  ? -3.581 1.081   -5.899  1.00 19.15 ? 8   LYS A HG2  1 
ATOM   125 H  HG3  . LYS A 1 9  ? -2.906 -0.316  -6.130  1.00 19.15 ? 8   LYS A HG3  1 
ATOM   126 H  HD2  . LYS A 1 9  ? -3.638 0.641   -3.559  1.00 15.50 ? 8   LYS A HD2  1 
ATOM   127 H  HD3  . LYS A 1 9  ? -4.504 -0.389  -4.363  1.00 15.50 ? 8   LYS A HD3  1 
ATOM   128 H  HE2  . LYS A 1 9  ? -2.754 -1.942  -4.234  1.00 13.99 ? 8   LYS A HE2  1 
ATOM   129 H  HE3  . LYS A 1 9  ? -1.917 -0.912  -3.393  1.00 13.99 ? 8   LYS A HE3  1 
ATOM   130 H  HZ1  . LYS A 1 9  ? -4.110 -1.255  -2.005  1.00 13.12 ? 8   LYS A HZ1  1 
ATOM   131 N  N    . ARG A 1 10 ? 1.342  1.925   -6.134  1.00 18.34 ? 9   ARG A N    1 
ATOM   132 C  CA   . ARG A 1 10 ? 2.582  2.530   -5.648  1.00 25.86 ? 9   ARG A CA   1 
ATOM   133 C  C    . ARG A 1 10 ? 3.153  3.527   -6.651  1.00 23.51 ? 9   ARG A C    1 
ATOM   134 O  O    . ARG A 1 10 ? 3.778  4.543   -6.302  1.00 27.61 ? 9   ARG A O    1 
ATOM   135 C  CB   . ARG A 1 10 ? 3.562  1.399   -5.265  1.00 19.58 ? 9   ARG A CB   1 
ATOM   136 C  CG   . ARG A 1 10 ? 4.901  1.913   -4.763  1.00 30.45 ? 9   ARG A CG   1 
ATOM   137 C  CD   . ARG A 1 10 ? 5.761  0.795   -4.307  1.00 17.16 ? 9   ARG A CD   1 
ATOM   138 N  NE   . ARG A 1 10 ? 6.126  -0.291  -5.182  1.00 19.39 ? 9   ARG A NE   1 
ATOM   139 C  CZ   . ARG A 1 10 ? 7.097  -0.237  -6.093  1.00 31.44 ? 9   ARG A CZ   1 
ATOM   140 N  NH1  . ARG A 1 10 ? 7.828  0.868   -6.283  1.00 23.26 ? 9   ARG A NH1  1 
ATOM   141 N  NH2  . ARG A 1 10 ? 7.347  -1.313  -6.842  1.00 23.50 ? 9   ARG A NH2  1 
ATOM   142 H  H    . ARG A 1 10 ? 1.380  1.095   -6.359  1.00 22.01 ? 9   ARG A H    1 
ATOM   143 H  HA   . ARG A 1 10 ? 2.367  3.025   -4.829  1.00 31.03 ? 9   ARG A HA   1 
ATOM   144 H  HB2  . ARG A 1 10 ? 3.156  0.850   -4.576  1.00 23.50 ? 9   ARG A HB2  1 
ATOM   145 H  HB3  . ARG A 1 10 ? 3.711  0.835   -6.041  1.00 23.50 ? 9   ARG A HB3  1 
ATOM   146 H  HG2  . ARG A 1 10 ? 5.349  2.396   -5.476  1.00 36.54 ? 9   ARG A HG2  1 
ATOM   147 H  HG3  . ARG A 1 10 ? 4.755  2.530   -4.029  1.00 36.54 ? 9   ARG A HG3  1 
ATOM   148 H  HD2  . ARG A 1 10 ? 6.588  1.189   -3.987  1.00 20.59 ? 9   ARG A HD2  1 
ATOM   149 H  HD3  . ARG A 1 10 ? 5.324  0.401   -3.537  1.00 20.59 ? 9   ARG A HD3  1 
ATOM   150 H  HE   . ARG A 1 10 ? 5.686  -1.026  -5.110  1.00 23.27 ? 9   ARG A HE   1 
ATOM   151 H  HH11 . ARG A 1 10 ? 8.447  0.878   -6.879  1.00 27.91 ? 9   ARG A HH11 1 
ATOM   152 H  HH12 . ARG A 1 10 ? 7.678  1.569   -5.807  1.00 27.91 ? 9   ARG A HH12 1 
ATOM   153 H  HH21 . ARG A 1 10 ? 6.883  -2.030  -6.734  1.00 28.20 ? 9   ARG A HH21 1 
ATOM   154 H  HH22 . ARG A 1 10 ? 7.970  -1.291  -7.433  1.00 28.20 ? 9   ARG A HH22 1 
HETATM 155 N  N    . NH2 A 1 11 ? 2.897  3.318   -7.924  1.00 20.25 ? 10  NH2 A N    1 
HETATM 156 H  HN1  . NH2 A 1 11 ? 3.162  3.887   -8.514  1.00 24.30 ? 10  NH2 A HN1  1 
HETATM 157 H  HN2  . NH2 A 1 11 ? 2.466  2.616   -8.167  1.00 24.30 ? 10  NH2 A HN2  1 
HETATM 158 C  C    . ACE B 1 1  ? 6.179  7.692   5.521   1.00 17.95 ? 0   ACE B C    1 
HETATM 159 O  O    . ACE B 1 1  ? 6.160  7.462   4.310   1.00 23.29 ? 0   ACE B O    1 
HETATM 160 C  CH3  . ACE B 1 1  ? 7.525  8.182   6.090   1.00 16.86 ? 0   ACE B CH3  1 
HETATM 161 H  H1   . ACE B 1 1  ? 7.439  8.331   7.035   1.00 25.28 ? 0   ACE B H1   1 
HETATM 162 H  H2   . ACE B 1 1  ? 7.776  9.003   5.659   1.00 25.28 ? 0   ACE B H2   1 
HETATM 163 H  H3   . ACE B 1 1  ? 8.202  7.519   5.931   1.00 25.28 ? 0   ACE B H3   1 
ATOM   164 N  N    . GLU B 1 2  ? 5.629  6.836   6.343   1.00 16.88 ? 1   GLU B N    1 
ATOM   165 C  CA   . GLU B 1 2  ? 4.425  6.084   6.048   1.00 20.47 ? 1   GLU B CA   1 
ATOM   166 C  C    . GLU B 1 2  ? 3.153  6.841   6.397   1.00 17.45 ? 1   GLU B C    1 
ATOM   167 O  O    . GLU B 1 2  ? 3.073  7.367   7.529   1.00 16.97 ? 1   GLU B O    1 
ATOM   168 C  CB   . GLU B 1 2  ? 4.470  4.760   6.834   1.00 20.21 ? 1   GLU B CB   1 
ATOM   169 C  CG   . GLU B 1 2  ? 3.293  3.889   6.510   1.00 19.65 ? 1   GLU B CG   1 
ATOM   170 C  CD   . GLU B 1 2  ? 3.356  2.517   7.099   1.00 16.82 ? 1   GLU B CD   1 
ATOM   171 O  OE1  . GLU B 1 2  ? 3.778  2.381   8.278   1.00 16.13 ? 1   GLU B OE1  1 
ATOM   172 O  OE2  . GLU B 1 2  ? 2.974  1.526   6.471   1.00 18.26 ? 1   GLU B OE2  1 
ATOM   173 H  H    . GLU B 1 2  ? 6.005  6.712   7.107   1.00 20.25 ? 1   GLU B H    1 
ATOM   174 H  HA   . GLU B 1 2  ? 4.413  5.877   5.089   1.00 24.57 ? 1   GLU B HA   1 
ATOM   175 H  HB2  . GLU B 1 2  ? 5.290  4.287   6.618   1.00 24.25 ? 1   GLU B HB2  1 
ATOM   176 H  HB3  . GLU B 1 2  ? 4.477  4.953   7.784   1.00 24.25 ? 1   GLU B HB3  1 
ATOM   177 H  HG2  . GLU B 1 2  ? 2.487  4.325   6.829   1.00 23.58 ? 1   GLU B HG2  1 
ATOM   178 H  HG3  . GLU B 1 2  ? 3.221  3.809   5.546   1.00 23.58 ? 1   GLU B HG3  1 
ATOM   179 N  N    . SER B 1 3  ? 2.168  6.916   5.504   1.00 14.43 ? 2   SER B N    1 
ATOM   180 C  CA   . SER B 1 3  ? 0.886  7.562   5.832   1.00 13.90 ? 2   SER B CA   1 
ATOM   181 C  C    . SER B 1 3  ? 0.129  6.764   6.914   1.00 12.68 ? 2   SER B C    1 
ATOM   182 O  O    . SER B 1 3  ? 0.347  5.592   7.062   1.00 13.54 ? 2   SER B O    1 
ATOM   183 C  CB   . SER B 1 3  ? 0.012  7.787   4.591   1.00 16.15 ? 2   SER B CB   1 
ATOM   184 O  OG   . SER B 1 3  ? -0.586 6.544   4.233   1.00 13.87 ? 2   SER B OG   1 
ATOM   185 H  H    . SER B 1 3  ? 2.283  6.581   4.720   1.00 17.32 ? 2   SER B H    1 
ATOM   186 H  HA   . SER B 1 3  ? 1.090  8.445   6.209   1.00 16.68 ? 2   SER B HA   1 
ATOM   187 H  HB2  . SER B 1 3  ? -0.676 8.442   4.784   1.00 19.38 ? 2   SER B HB2  1 
ATOM   188 H  HB3  . SER B 1 3  ? 0.554  8.117   3.859   1.00 19.38 ? 2   SER B HB3  1 
ATOM   189 H  HG   . SER B 1 3  ? -1.045 6.645   3.561   1.00 20.80 ? 2   SER B HG   1 
ATOM   190 N  N    . GLN B 1 4  ? -0.746 7.497   7.605   1.00 14.74 ? 3   GLN B N    1 
ATOM   191 C  CA   . GLN B 1 4  ? -1.535 6.821   8.630   1.00 13.54 ? 3   GLN B CA   1 
ATOM   192 C  C    . GLN B 1 4  ? -2.425 5.773   7.994   1.00 11.86 ? 3   GLN B C    1 
ATOM   193 O  O    . GLN B 1 4  ? -2.548 4.674   8.538   1.00 12.70 ? 3   GLN B O    1 
ATOM   194 C  CB   . GLN B 1 4  ? -2.335 7.858   9.421   1.00 14.99 ? 3   GLN B CB   1 
ATOM   195 C  CG   . GLN B 1 4  ? -3.210 7.228   10.497  1.00 14.33 ? 3   GLN B CG   1 
ATOM   196 C  CD   . GLN B 1 4  ? -2.391 6.572   11.612  1.00 14.50 ? 3   GLN B CD   1 
ATOM   197 O  OE1  . GLN B 1 4  ? -2.018 5.396   11.533  1.00 17.67 ? 3   GLN B OE1  1 
ATOM   198 N  NE2  . GLN B 1 4  ? -2.119 7.334   12.635  1.00 15.77 ? 3   GLN B NE2  1 
ATOM   199 H  H    . GLN B 1 4  ? -0.843 8.338   7.451   1.00 17.69 ? 3   GLN B H    1 
ATOM   200 H  HA   . GLN B 1 4  ? -0.919 6.371   9.245   1.00 16.24 ? 3   GLN B HA   1 
ATOM   201 H  HB2  . GLN B 1 4  ? -1.721 8.482   9.838   1.00 17.99 ? 3   GLN B HB2  1 
ATOM   202 H  HB3  . GLN B 1 4  ? -2.897 8.359   8.809   1.00 17.99 ? 3   GLN B HB3  1 
ATOM   203 H  HG2  . GLN B 1 4  ? -3.779 7.912   10.882  1.00 17.20 ? 3   GLN B HG2  1 
ATOM   204 H  HG3  . GLN B 1 4  ? -3.782 6.559   10.089  1.00 17.20 ? 3   GLN B HG3  1 
ATOM   205 H  HE21 . GLN B 1 4  ? -1.663 7.023   13.294  1.00 18.92 ? 3   GLN B HE21 1 
ATOM   206 H  HE22 . GLN B 1 4  ? -2.398 8.148   12.652  1.00 18.92 ? 3   GLN B HE22 1 
ATOM   207 N  N    . LEU B 1 5  ? -2.977 6.115   6.834   1.00 12.32 ? 4   LEU B N    1 
ATOM   208 C  CA   . LEU B 1 5  ? -3.820 5.136   6.153   1.00 11.94 ? 4   LEU B CA   1 
ATOM   209 C  C    . LEU B 1 5  ? -3.041 3.900   5.829   1.00 13.08 ? 4   LEU B C    1 
ATOM   210 O  O    . LEU B 1 5  ? -3.429 2.729   6.062   1.00 13.04 ? 4   LEU B O    1 
ATOM   211 C  CB   . LEU B 1 5  ? -4.400 5.781   4.875   1.00 13.64 ? 4   LEU B CB   1 
ATOM   212 C  CG   . LEU B 1 5  ? -5.143 4.836   3.952   1.00 13.22 ? 4   LEU B CG   1 
ATOM   213 C  CD1  . LEU B 1 5  ? -6.404 4.253   4.636   1.00 17.55 ? 4   LEU B CD1  1 
ATOM   214 C  CD2  . LEU B 1 5  ? -5.554 5.506   2.660   1.00 14.38 ? 4   LEU B CD2  1 
ATOM   215 H  H    . LEU B 1 5  ? -2.841 6.892   6.493   1.00 14.79 ? 4   LEU B H    1 
ATOM   216 H  HA   . LEU B 1 5  ? -4.562 4.894   6.746   1.00 14.33 ? 4   LEU B HA   1 
ATOM   217 H  HB2  . LEU B 1 5  ? -5.006 6.493   5.138   1.00 16.36 ? 4   LEU B HB2  1 
ATOM   218 H  HB3  . LEU B 1 5  ? -3.673 6.187   4.378   1.00 16.36 ? 4   LEU B HB3  1 
ATOM   219 H  HG   . LEU B 1 5  ? -4.544 4.091   3.733   1.00 15.86 ? 4   LEU B HG   1 
ATOM   220 H  HD11 . LEU B 1 5  ? -6.151 3.808   5.449   1.00 26.32 ? 4   LEU B HD11 1 
ATOM   221 H  HD12 . LEU B 1 5  ? -6.827 3.627   4.046   1.00 26.32 ? 4   LEU B HD12 1 
ATOM   222 H  HD13 . LEU B 1 5  ? -7.016 4.966   4.839   1.00 26.32 ? 4   LEU B HD13 1 
ATOM   223 H  HD21 . LEU B 1 5  ? -6.042 4.883   2.118   1.00 21.57 ? 4   LEU B HD21 1 
ATOM   224 H  HD22 . LEU B 1 5  ? -4.771 5.797   2.186   1.00 21.57 ? 4   LEU B HD22 1 
ATOM   225 H  HD23 . LEU B 1 5  ? -6.110 6.264   2.854   1.00 21.57 ? 4   LEU B HD23 1 
ATOM   226 N  N    . HIS B 1 6  ? -1.821 4.041   5.309   1.00 13.20 ? 5   HIS B N    1 
ATOM   227 C  CA   . HIS B 1 6  ? -0.995 2.886   4.918   1.00 11.66 ? 5   HIS B CA   1 
ATOM   228 C  C    . HIS B 1 6  ? -0.588 2.055   6.135   1.00 10.67 ? 5   HIS B C    1 
ATOM   229 O  O    . HIS B 1 6  ? -0.640 0.821   6.054   1.00 13.10 ? 5   HIS B O    1 
ATOM   230 C  CB   . HIS B 1 6  ? 0.245  3.346   4.145   1.00 11.80 ? 5   HIS B CB   1 
ATOM   231 C  CG   . HIS B 1 6  ? 0.948  2.263   3.406   1.00 12.89 ? 5   HIS B CG   1 
ATOM   232 N  ND1  . HIS B 1 6  ? 1.991  1.512   3.958   1.00 14.29 ? 5   HIS B ND1  1 
ATOM   233 C  CD2  . HIS B 1 6  ? 0.756  1.763   2.163   1.00 11.11 ? 5   HIS B CD2  1 
ATOM   234 C  CE1  . HIS B 1 6  ? 2.362  0.644   3.048   1.00 14.83 ? 5   HIS B CE1  1 
ATOM   235 N  NE2  . HIS B 1 6  ? 1.644  0.757   1.933   1.00 12.13 ? 5   HIS B NE2  1 
ATOM   236 H  H    . HIS B 1 6  ? -1.506 4.833   5.198   1.00 15.84 ? 5   HIS B H    1 
ATOM   237 H  HA   . HIS B 1 6  ? -1.529 2.317   4.325   1.00 14.00 ? 5   HIS B HA   1 
ATOM   238 H  HB2  . HIS B 1 6  ? -0.021 4.031   3.512   1.00 14.16 ? 5   HIS B HB2  1 
ATOM   239 H  HB3  . HIS B 1 6  ? 0.867  3.751   4.770   1.00 14.16 ? 5   HIS B HB3  1 
ATOM   240 H  HD1  . HIS B 1 6  ? 2.325  1.602   4.745   1.00 17.15 ? 5   HIS B HD1  1 
ATOM   241 H  HD2  . HIS B 1 6  ? 0.116  2.060   1.558   1.00 13.33 ? 5   HIS B HD2  1 
ATOM   242 H  HE1  . HIS B 1 6  ? 3.044  0.023   3.168   1.00 17.79 ? 5   HIS B HE1  1 
ATOM   243 N  N    . SER B 1 7  ? -0.252 2.720   7.229   1.00 12.85 ? 6   SER B N    1 
ATOM   244 C  CA   . SER B 1 7  ? 0.070  2.034   8.481   1.00 14.08 ? 6   SER B CA   1 
ATOM   245 C  C    . SER B 1 7  ? -1.093 1.148   8.898   1.00 14.77 ? 6   SER B C    1 
ATOM   246 O  O    . SER B 1 7  ? -0.967 -0.031  9.294   1.00 16.27 ? 6   SER B O    1 
ATOM   247 C  CB   . SER B 1 7  ? 0.387  3.073   9.572   1.00 16.45 ? 6   SER B CB   1 
ATOM   248 O  OG   . SER B 1 7  ? 0.908  2.393   10.692  1.00 32.70 ? 6   SER B OG   1 
ATOM   249 H  H    . SER B 1 7  ? -0.221 3.578   7.202   1.00 15.42 ? 6   SER B H    1 
ATOM   250 H  HA   . SER B 1 7  ? 0.862  1.472   8.340   1.00 16.90 ? 6   SER B HA   1 
ATOM   251 H  HB2  . SER B 1 7  ? 1.035  3.714   9.241   1.00 19.74 ? 6   SER B HB2  1 
ATOM   252 H  HB3  . SER B 1 7  ? -0.420 3.551   9.819   1.00 19.74 ? 6   SER B HB3  1 
ATOM   253 H  HG   . SER B 1 7  ? 1.089  2.935   11.280  1.00 49.05 ? 6   SER B HG   1 
ATOM   254 N  N    . ASN B 1 8  ? -2.294 1.724   8.851   1.00 12.75 ? 7   ASN B N    1 
ATOM   255 C  CA   . ASN B 1 8  ? -3.517 0.997   9.220   1.00 13.23 ? 7   ASN B CA   1 
ATOM   256 C  C    . ASN B 1 8  ? -3.807 -0.135  8.273   1.00 15.30 ? 7   ASN B C    1 
ATOM   257 O  O    . ASN B 1 8  ? -4.211 -1.206  8.779   1.00 15.89 ? 7   ASN B O    1 
ATOM   258 C  CB   . ASN B 1 8  ? -4.689 1.934   9.371   1.00 12.85 ? 7   ASN B CB   1 
ATOM   259 C  CG   . ASN B 1 8  ? -4.659 2.911   10.530  1.00 16.19 ? 7   ASN B CG   1 
ATOM   260 O  OD1  . ASN B 1 8  ? -5.379 3.938   10.490  1.00 18.21 ? 7   ASN B OD1  1 
ATOM   261 N  ND2  . ASN B 1 8  ? -3.860 2.714   11.553  1.00 13.54 ? 7   ASN B ND2  1 
ATOM   262 H  H    . ASN B 1 8  ? -2.354 2.544   8.599   1.00 15.31 ? 7   ASN B H    1 
ATOM   263 H  HA   . ASN B 1 8  ? -3.356 0.598   10.100  1.00 15.87 ? 7   ASN B HA   1 
ATOM   264 H  HB2  . ASN B 1 8  ? -4.770 2.446   8.552   1.00 15.43 ? 7   ASN B HB2  1 
ATOM   265 H  HB3  . ASN B 1 8  ? -5.493 1.397   9.455   1.00 15.43 ? 7   ASN B HB3  1 
ATOM   266 H  HD21 . ASN B 1 8  ? -3.832 3.287   12.194  1.00 16.25 ? 7   ASN B HD21 1 
ATOM   267 H  HD22 . ASN B 1 8  ? -3.366 2.011   11.583  1.00 16.25 ? 7   ASN B HD22 1 
ATOM   268 N  N    . LYS B 1 9  ? -3.608 -0.004  6.969   1.00 14.00 ? 8   LYS B N    1 
ATOM   269 C  CA   . LYS B 1 9  ? -3.833 -1.131  6.055   1.00 15.54 ? 8   LYS B CA   1 
ATOM   270 C  C    . LYS B 1 9  ? -2.845 -2.253  6.280   1.00 17.01 ? 8   LYS B C    1 
ATOM   271 O  O    . LYS B 1 9  ? -3.269 -3.425  6.161   1.00 18.90 ? 8   LYS B O    1 
ATOM   272 C  CB   . LYS B 1 9  ? -3.765 -0.659  4.591   1.00 13.34 ? 8   LYS B CB   1 
ATOM   273 C  CG   . LYS B 1 9  ? -4.878 0.277   4.229   1.00 12.93 ? 8   LYS B CG   1 
ATOM   274 C  CD   . LYS B 1 9  ? -4.905 0.848   2.841   1.00 12.45 ? 8   LYS B CD   1 
ATOM   275 C  CE   . LYS B 1 9  ? -3.643 1.552   2.445   1.00 12.04 ? 8   LYS B CE   1 
ATOM   276 N  NZ   . LYS B 1 9  ? -3.759 2.182   1.124   1.00 11.63 ? 8   LYS B NZ   1 
ATOM   277 H  H    . LYS B 1 9  ? -3.344 0.751   6.653   1.00 16.80 ? 8   LYS B H    1 
ATOM   278 H  HA   . LYS B 1 9  ? -4.733 -1.481  6.221   1.00 18.65 ? 8   LYS B HA   1 
ATOM   279 H  HB2  . LYS B 1 9  ? -2.918 -0.214  4.441   1.00 16.00 ? 8   LYS B HB2  1 
ATOM   280 H  HB3  . LYS B 1 9  ? -3.802 -1.433  4.007   1.00 16.00 ? 8   LYS B HB3  1 
ATOM   281 H  HG2  . LYS B 1 9  ? -5.716 -0.190  4.372   1.00 15.52 ? 8   LYS B HG2  1 
ATOM   282 H  HG3  . LYS B 1 9  ? -4.854 1.019   4.852   1.00 15.52 ? 8   LYS B HG3  1 
ATOM   283 H  HD2  . LYS B 1 9  ? -5.072 0.129   2.211   1.00 14.94 ? 8   LYS B HD2  1 
ATOM   284 H  HD3  . LYS B 1 9  ? -5.645 1.472   2.776   1.00 14.94 ? 8   LYS B HD3  1 
ATOM   285 H  HE2  . LYS B 1 9  ? -3.436 2.231   3.106   1.00 14.45 ? 8   LYS B HE2  1 
ATOM   286 H  HE3  . LYS B 1 9  ? -2.912 0.915   2.432   1.00 14.45 ? 8   LYS B HE3  1 
ATOM   287 H  HZ1  . LYS B 1 9  ? -4.321 1.881   0.546   1.00 13.95 ? 8   LYS B HZ1  1 
ATOM   288 N  N    . ARG B 1 10 ? -1.608 -1.919  6.558   1.00 16.01 ? 9   ARG B N    1 
ATOM   289 C  CA   . ARG B 1 10 ? -0.532 -2.888  6.792   1.00 18.35 ? 9   ARG B CA   1 
ATOM   290 C  C    . ARG B 1 10 ? -0.824 -3.683  8.050   1.00 30.52 ? 9   ARG B C    1 
ATOM   291 O  O    . ARG B 1 10 ? -0.438 -4.846  8.156   1.00 28.26 ? 9   ARG B O    1 
ATOM   292 C  CB   . ARG B 1 10 ? 0.792  -2.154  6.865   1.00 23.74 ? 9   ARG B CB   1 
ATOM   293 C  CG   . ARG B 1 10 ? 1.656  -2.026  5.647   1.00 30.56 ? 9   ARG B CG   1 
ATOM   294 C  CD   . ARG B 1 10 ? 3.161  -1.957  5.951   1.00 29.00 ? 9   ARG B CD   1 
ATOM   295 N  NE   . ARG B 1 10 ? 3.416  -1.032  7.052   1.00 26.55 ? 9   ARG B NE   1 
ATOM   296 C  CZ   . ARG B 1 10 ? 3.880  -1.267  8.265   1.00 30.11 ? 9   ARG B CZ   1 
ATOM   297 N  NH1  . ARG B 1 10 ? 4.233  -2.490  8.675   1.00 38.96 ? 9   ARG B NH1  1 
ATOM   298 N  NH2  . ARG B 1 10 ? 4.018  -0.258  9.140   1.00 26.47 ? 9   ARG B NH2  1 
ATOM   299 H  H    . ARG B 1 10 ? -1.416 -1.081  6.606   1.00 19.21 ? 9   ARG B H    1 
ATOM   300 H  HA   . ARG B 1 10 ? -0.501 -3.508  6.033   1.00 22.02 ? 9   ARG B HA   1 
ATOM   301 H  HB2  . ARG B 1 10 ? 0.606  -1.254  7.180   1.00 28.49 ? 9   ARG B HB2  1 
ATOM   302 H  HB3  . ARG B 1 10 ? 1.325  -2.587  7.550   1.00 28.49 ? 9   ARG B HB3  1 
ATOM   303 H  HG2  . ARG B 1 10 ? 1.490  -2.785  5.066   1.00 36.67 ? 9   ARG B HG2  1 
ATOM   304 H  HG3  . ARG B 1 10 ? 1.399  -1.225  5.165   1.00 36.67 ? 9   ARG B HG3  1 
ATOM   305 H  HD2  . ARG B 1 10 ? 3.485  -2.841  6.187   1.00 34.80 ? 9   ARG B HD2  1 
ATOM   306 H  HD3  . ARG B 1 10 ? 3.638  -1.662  5.160   1.00 34.80 ? 9   ARG B HD3  1 
ATOM   307 H  HE   . ARG B 1 10 ? 3.237  -0.207  6.884   1.00 31.86 ? 9   ARG B HE   1 
ATOM   308 H  HH11 . ARG B 1 10 ? 4.162  -3.160  8.141   1.00 46.75 ? 9   ARG B HH11 1 
ATOM   309 H  HH12 . ARG B 1 10 ? 4.531  -2.606  9.474   1.00 46.75 ? 9   ARG B HH12 1 
ATOM   310 H  HH21 . ARG B 1 10 ? 3.803  0.542   8.910   1.00 31.76 ? 9   ARG B HH21 1 
ATOM   311 H  HH22 . ARG B 1 10 ? 4.320  -0.412  9.930   1.00 31.76 ? 9   ARG B HH22 1 
HETATM 312 N  N    . NH2 B 1 11 ? -1.536 -3.080  9.001   1.00 29.21 ? 10  NH2 B N    1 
HETATM 313 H  HN1  . NH2 B 1 11 ? -1.741 -3.506  9.720   1.00 35.05 ? 10  NH2 B HN1  1 
HETATM 314 H  HN2  . NH2 B 1 11 ? -1.791 -2.266  8.896   1.00 35.05 ? 10  NH2 B HN2  1 
HETATM 315 CL CL   . CL  C 2 .  ? -5.512 0.471   -0.989  0.50 11.44 ? 68  CL  A CL   1 
HETATM 316 C  CMB  . DEU D 3 .  ? 7.186  1.510   -0.366  1.00 21.15 ? 101 DEU A CMB  1 
HETATM 317 C  CMC  . DEU D 3 .  ? 3.671  -4.709  3.211   1.00 18.69 ? 101 DEU A CMC  1 
HETATM 318 C  CMA  . DEU D 3 .  ? 0.065  4.372   -2.447  1.00 15.62 ? 101 DEU A CMA  1 
HETATM 319 C  CMD  . DEU D 3 .  ? -1.568 -4.201  2.404   1.00 13.34 ? 101 DEU A CMD  1 
HETATM 320 C  CAA  . DEU D 3 .  ? -2.600 2.679   -1.623  1.00 11.78 ? 101 DEU A CAA  1 
HETATM 321 C  CBA  . DEU D 3 .  ? -3.125 3.692   -0.602  1.00 11.73 ? 101 DEU A CBA  1 
HETATM 322 C  CGA  . DEU D 3 .  ? -2.954 3.266   0.815   1.00 12.72 ? 101 DEU A CGA  1 
HETATM 323 O  O1A  . DEU D 3 .  ? -2.179 3.805   1.621   1.00 13.52 ? 101 DEU A O1A  1 
HETATM 324 C  CAD  . DEU D 3 .  ? -3.442 -2.194  0.687   1.00 11.42 ? 101 DEU A CAD  1 
HETATM 325 C  CBD  . DEU D 3 .  ? -3.710 -3.194  -0.451  1.00 11.00 ? 101 DEU A CBD  1 
HETATM 326 C  CGD  . DEU D 3 .  ? -3.058 -2.831  -1.756  1.00 12.38 ? 101 DEU A CGD  1 
HETATM 327 C  C2A  . DEU D 3 .  ? -1.131 2.299   -1.426  1.00 11.94 ? 101 DEU A C2A  1 
HETATM 328 C  C3A  . DEU D 3 .  ? -0.037 3.002   -1.752  1.00 14.11 ? 101 DEU A C3A  1 
HETATM 329 C  C4A  . DEU D 3 .  ? 1.115  2.256   -1.281  1.00 12.34 ? 101 DEU A C4A  1 
HETATM 330 N  NA   . DEU D 3 .  ? 0.696  1.087   -0.664  1.00 11.10 ? 101 DEU A NA   1 
HETATM 331 C  C1A  . DEU D 3 .  ? -0.673 1.111   -0.754  1.00 11.41 ? 101 DEU A C1A  1 
HETATM 332 C  CHB  . DEU D 3 .  ? 2.443  2.660   -1.436  1.00 13.41 ? 101 DEU A CHB  1 
HETATM 333 C  C1B  . DEU D 3 .  ? 3.535  1.957   -0.982  1.00 13.99 ? 101 DEU A C1B  1 
HETATM 334 C  C2B  . DEU D 3 .  ? 4.916  2.407   -1.181  1.00 14.92 ? 101 DEU A C2B  1 
HETATM 335 C  C3B  . DEU D 3 .  ? 5.642  1.512   -0.544  1.00 14.64 ? 101 DEU A C3B  1 
HETATM 336 C  C4B  . DEU D 3 .  ? 4.801  0.481   -0.014  1.00 15.18 ? 101 DEU A C4B  1 
HETATM 337 N  NB   . DEU D 3 .  ? 3.465  0.786   -0.266  1.00 12.68 ? 101 DEU A NB   1 
HETATM 338 C  CHC  . DEU D 3 .  ? 5.167  -0.615  0.703   1.00 14.57 ? 101 DEU A CHC  1 
HETATM 339 C  C1C  . DEU D 3 .  ? 4.379  -1.556  1.309   1.00 14.95 ? 101 DEU A C1C  1 
HETATM 340 C  C2C  . DEU D 3 .  ? 4.798  -2.688  2.093   1.00 14.88 ? 101 DEU A C2C  1 
HETATM 341 C  C3C  . DEU D 3 .  ? 3.746  -3.388  2.437   1.00 14.55 ? 101 DEU A C3C  1 
HETATM 342 C  C4C  . DEU D 3 .  ? 2.598  -2.665  1.923   1.00 12.70 ? 101 DEU A C4C  1 
HETATM 343 N  NC   . DEU D 3 .  ? 3.007  -1.543  1.274   1.00 12.94 ? 101 DEU A NC   1 
HETATM 344 C  CHD  . DEU D 3 .  ? 1.292  -3.070  2.102   1.00 13.26 ? 101 DEU A CHD  1 
HETATM 345 C  C1D  . DEU D 3 .  ? 0.177  -2.431  1.572   1.00 12.41 ? 101 DEU A C1D  1 
HETATM 346 C  C2D  . DEU D 3 .  ? -1.176 -2.899  1.678   1.00 11.28 ? 101 DEU A C2D  1 
HETATM 347 C  C3D  . DEU D 3 .  ? -1.922 -2.060  0.981   1.00 11.70 ? 101 DEU A C3D  1 
HETATM 348 C  C4D  . DEU D 3 .  ? -1.076 -0.995  0.478   1.00 11.64 ? 101 DEU A C4D  1 
HETATM 349 N  ND   . DEU D 3 .  ? 0.232  -1.277  0.820   1.00 10.96 ? 101 DEU A ND   1 
HETATM 350 C  CHA  . DEU D 3 .  ? -1.471 0.101   -0.269  1.00 10.64 ? 101 DEU A CHA  1 
HETATM 351 CO CO   . DEU D 3 .  ? 1.858  -0.244  0.302   1.00 10.54 ? 101 DEU A CO   1 
HETATM 352 O  O2D  . DEU D 3 .  ? -2.157 -3.547  -2.259  1.00 12.69 ? 101 DEU A O2D  1 
HETATM 353 H  HMB1 . DEU D 3 .  ? 7.448  0.737   0.141   1.00 31.72 ? 101 DEU A HMB1 1 
HETATM 354 H  HMB2 . DEU D 3 .  ? 7.455  2.305   0.101   1.00 31.72 ? 101 DEU A HMB2 1 
HETATM 355 H  HMB3 . DEU D 3 .  ? 7.608  1.487   -1.227  1.00 31.72 ? 101 DEU A HMB3 1 
HETATM 356 H  HMC1 . DEU D 3 .  ? 2.754  -4.977  3.297   1.00 28.03 ? 101 DEU A HMC1 1 
HETATM 357 H  HMC2 . DEU D 3 .  ? 4.054  -4.589  4.084   1.00 28.03 ? 101 DEU A HMC2 1 
HETATM 358 H  HMC3 . DEU D 3 .  ? 4.160  -5.386  2.738   1.00 28.03 ? 101 DEU A HMC3 1 
HETATM 359 H  HMA1 . DEU D 3 .  ? 0.989  4.616   -2.539  1.00 23.43 ? 101 DEU A HMA1 1 
HETATM 360 H  HMA2 . DEU D 3 .  ? -0.390 5.033   -1.921  1.00 23.43 ? 101 DEU A HMA2 1 
HETATM 361 H  HMA3 . DEU D 3 .  ? -0.339 4.321   -3.317  1.00 23.43 ? 101 DEU A HMA3 1 
HETATM 362 H  HMD1 . DEU D 3 .  ? -0.791 -4.584  2.818   1.00 20.01 ? 101 DEU A HMD1 1 
HETATM 363 H  HMD2 . DEU D 3 .  ? -1.933 -4.824  1.770   1.00 20.01 ? 101 DEU A HMD2 1 
HETATM 364 H  HMD3 . DEU D 3 .  ? -2.226 -4.008  3.077   1.00 20.01 ? 101 DEU A HMD3 1 
HETATM 365 H  HAA1 . DEU D 3 .  ? -3.139 1.874   -1.570  1.00 14.14 ? 101 DEU A HAA1 1 
HETATM 366 H  HAA2 . DEU D 3 .  ? -2.709 3.048   -2.514  1.00 14.14 ? 101 DEU A HAA2 1 
HETATM 367 H  HBA1 . DEU D 3 .  ? -2.663 4.535   -0.732  1.00 14.08 ? 101 DEU A HBA1 1 
HETATM 368 H  HBA2 . DEU D 3 .  ? -4.069 3.845   -0.771  1.00 14.08 ? 101 DEU A HBA2 1 
HETATM 369 H  HAD1 . DEU D 3 .  ? -3.900 -2.490  1.489   1.00 13.70 ? 101 DEU A HAD1 1 
HETATM 370 H  HAD2 . DEU D 3 .  ? -3.799 -1.326  0.441   1.00 13.70 ? 101 DEU A HAD2 1 
HETATM 371 H  HBD1 . DEU D 3 .  ? -3.392 -4.069  -0.177  1.00 13.20 ? 101 DEU A HBD1 1 
HETATM 372 H  HBD2 . DEU D 3 .  ? -4.668 -3.260  -0.588  1.00 13.20 ? 101 DEU A HBD2 1 
HETATM 373 H  HHB  . DEU D 3 .  ? 2.601  3.462   -1.880  1.00 16.10 ? 101 DEU A HHB  1 
HETATM 374 H  H2B  . DEU D 3 .  ? 5.211  3.153   -1.650  1.00 17.91 ? 101 DEU A H2B  1 
HETATM 375 H  HHC  . DEU D 3 .  ? 6.084  -0.743  0.795   1.00 17.49 ? 101 DEU A HHC  1 
HETATM 376 H  H2C  . DEU D 3 .  ? 5.677  -2.889  2.320   1.00 17.86 ? 101 DEU A H2C  1 
HETATM 377 H  HHD  . DEU D 3 .  ? 1.146  -3.830  2.618   1.00 15.91 ? 101 DEU A HHD  1 
HETATM 378 H  HHA  . DEU D 3 .  ? -2.378 0.162   -0.466  1.00 12.76 ? 101 DEU A HHA  1 
HETATM 379 O  O    . HOH E 4 .  ? 5.127  0.751   -9.443  1.00 27.31 ? 102 HOH A O    1 
HETATM 380 O  O    . HOH E 4 .  ? -1.814 6.411   1.786   1.00 15.64 ? 103 HOH A O    1 
HETATM 381 O  O    . HOH E 4 .  ? -1.997 -6.249  -2.687  1.00 14.62 ? 104 HOH A O    1 
HETATM 382 O  O    . HOH E 4 .  ? 5.647  -10.279 -7.458  1.00 18.15 ? 105 HOH A O    1 
HETATM 383 O  O    . HOH E 4 .  ? -2.439 -8.448  -7.845  1.00 22.09 ? 106 HOH A O    1 
HETATM 384 O  O    . HOH E 4 .  ? 8.542  -8.102  -5.482  1.00 18.13 ? 107 HOH A O    1 
HETATM 385 O  O    . HOH E 4 .  ? -2.444 4.930   -5.047  1.00 20.03 ? 108 HOH A O    1 
HETATM 386 O  O    . HOH E 4 .  ? -7.310 -2.154  -9.345  1.00 22.17 ? 109 HOH A O    1 
HETATM 387 O  O    . HOH E 4 .  ? 0.246  -10.244 -8.195  1.00 23.06 ? 110 HOH A O    1 
HETATM 388 O  O    . HOH E 4 .  ? 8.195  -9.275  -8.021  1.00 23.59 ? 111 HOH A O    1 
HETATM 389 O  O    . HOH E 4 .  ? 8.512  -5.386  -6.079  1.00 28.83 ? 112 HOH A O    1 
HETATM 390 O  O    . HOH E 4 .  ? 4.499  -9.471  -10.239 1.00 32.68 ? 113 HOH A O    1 
HETATM 391 O  O    . HOH E 4 .  ? -1.554 7.088   -3.949  1.00 29.02 ? 114 HOH A O    1 
HETATM 392 O  O    . HOH E 4 .  ? -3.496 2.298   -8.934  1.00 36.56 ? 115 HOH A O    1 
HETATM 393 O  O    . HOH E 4 .  ? -6.139 -0.183  -7.751  1.00 22.99 ? 116 HOH A O    1 
HETATM 394 O  O    . HOH E 4 .  ? 8.814  -1.499  -2.352  1.00 46.98 ? 117 HOH A O    1 
HETATM 395 O  O    . HOH E 4 .  ? -1.206 7.587   -0.639  1.00 33.19 ? 118 HOH A O    1 
HETATM 396 O  O    . HOH E 4 .  ? -3.515 -8.216  -4.069  1.00 24.52 ? 119 HOH A O    1 
HETATM 397 O  O    . HOH E 4 .  ? 0.270  -4.737  -13.849 1.00 36.77 ? 120 HOH A O    1 
HETATM 398 O  O    . HOH E 4 .  ? 7.382  3.704   -5.411  1.00 33.08 ? 121 HOH A O    1 
HETATM 399 O  O    . HOH E 4 .  ? 4.655  -6.639  -8.529  1.00 29.50 ? 122 HOH A O    1 
HETATM 400 O  O    . HOH E 4 .  ? -1.300 4.578   -9.108  1.00 29.47 ? 123 HOH A O    1 
HETATM 401 O  O    . HOH E 4 .  ? 0.604  6.616   -5.959  1.00 43.33 ? 124 HOH A O    1 
HETATM 402 O  O    . HOH E 4 .  ? 7.186  -3.110  -1.818  1.00 41.65 ? 125 HOH A O    1 
HETATM 403 O  O    . HOH E 4 .  ? -2.489 -7.164  -12.689 1.00 51.29 ? 126 HOH A O    1 
HETATM 404 O  O    . HOH E 4 .  ? 8.251  0.998   2.890   1.00 40.30 ? 127 HOH A O    1 
HETATM 405 O  O    . HOH E 4 .  ? -3.859 -0.265  -7.969  1.00 65.51 ? 128 HOH A O    1 
HETATM 406 O  O    . HOH E 4 .  ? -4.205 5.893   -6.748  1.00 37.14 ? 129 HOH A O    1 
HETATM 407 O  O    . HOH E 4 .  ? 10.387 -5.540  -3.638  1.00 41.44 ? 130 HOH A O    1 
HETATM 408 O  O    . HOH E 4 .  ? 6.920  -8.919  -12.273 1.00 39.80 ? 131 HOH A O    1 
HETATM 409 O  O    . HOH E 4 .  ? 0.212  6.360   -8.305  1.00 38.60 ? 132 HOH A O    1 
HETATM 410 O  O    . HOH E 4 .  ? 5.755  6.038   -7.393  1.00 47.13 ? 133 HOH A O    1 
HETATM 411 O  O    . HOH E 4 .  ? 7.440  -6.885  -9.330  1.00 59.12 ? 134 HOH A O    1 
HETATM 412 O  O    . HOH E 4 .  ? 1.070  7.858   -0.781  1.00 50.73 ? 135 HOH A O    1 
HETATM 413 O  O    . HOH E 4 .  ? -1.964 -5.067  -13.436 1.00 48.59 ? 136 HOH A O    1 
HETATM 414 O  O    . HOH F 4 .  ? 5.461  7.819   9.165   1.00 27.91 ? 11  HOH B O    1 
HETATM 415 O  O    . HOH F 4 .  ? -3.362 8.834   5.799   1.00 18.15 ? 12  HOH B O    1 
HETATM 416 O  O    . HOH F 4 .  ? 0.837  -5.727  4.642   1.00 23.11 ? 13  HOH B O    1 
HETATM 417 O  O    . HOH F 4 .  ? -0.694 10.382  7.580   1.00 26.98 ? 14  HOH B O    1 
HETATM 418 O  O    . HOH F 4 .  ? -1.431 -6.411  6.024   1.00 30.51 ? 15  HOH B O    1 
HETATM 419 O  O    . HOH F 4 .  ? 6.021  6.071   10.527  1.00 36.36 ? 16  HOH B O    1 
HETATM 420 O  O    . HOH F 4 .  ? 4.314  3.776   10.643  1.00 25.38 ? 17  HOH B O    1 
HETATM 421 O  O    . HOH F 4 .  ? -1.416 1.803   12.736  0.50 24.89 ? 18  HOH B O    1 
HETATM 422 O  O    . HOH F 4 .  ? -3.241 8.641   3.004   1.00 26.28 ? 19  HOH B O    1 
HETATM 423 O  O    . HOH F 4 .  ? -3.691 -2.124  11.421  1.00 38.55 ? 20  HOH B O    1 
HETATM 424 O  O    . HOH F 4 .  ? 1.768  7.093   10.304  1.00 40.06 ? 21  HOH B O    1 
HETATM 425 O  O    . HOH F 4 .  ? -4.667 -5.100  8.184   1.00 40.29 ? 22  HOH B O    1 
HETATM 426 O  O    . HOH F 4 .  ? 3.157  -5.839  6.994   1.00 43.34 ? 23  HOH B O    1 
HETATM 427 O  O    . HOH F 4 .  ? -2.935 9.774   13.182  1.00 30.69 ? 24  HOH B O    1 
HETATM 428 O  O    . HOH F 4 .  ? 1.317  -1.185  10.963  1.00 38.86 ? 25  HOH B O    1 
HETATM 429 O  O    . HOH F 4 .  ? -9.120 4.988   7.241   1.00 38.14 ? 26  HOH B O    1 
HETATM 430 O  O    . HOH F 4 .  ? -1.062 10.454  2.372   1.00 37.39 ? 27  HOH B O    1 
HETATM 431 O  O    . HOH F 4 .  ? -4.059 9.898   15.930  1.00 57.28 ? 28  HOH B O    1 
HETATM 432 O  O    . HOH F 4 .  ? 0.841  14.026  6.616   1.00 54.74 ? 29  HOH B O    1 
HETATM 433 O  O    . HOH F 4 .  ? -6.240 -6.708  7.731   1.00 44.41 ? 30  HOH B O    1 
HETATM 434 O  O    . HOH F 4 .  ? 3.092  9.741   3.695   0.50 36.48 ? 31  HOH B O    1 
HETATM 435 O  O    . HOH F 4 .  ? 0.570  0.386   12.459  1.00 66.92 ? 32  HOH B O    1 
HETATM 436 O  O    . HOH F 4 .  ? -6.779 5.292   8.172   1.00 32.64 ? 33  HOH B O    1 
HETATM 437 O  O    . HOH F 4 .  ? -6.465 8.998   2.881   1.00 37.68 ? 34  HOH B O    1 
HETATM 438 O  O    . HOH F 4 .  ? 1.726  4.593   12.697  1.00 49.03 ? 35  HOH B O    1 
HETATM 439 O  O    . HOH F 4 .  ? -2.162 -4.602  11.524  1.00 41.81 ? 36  HOH B O    1 
HETATM 440 O  O    . HOH F 4 .  ? 0.193  11.983  5.074   1.00 53.56 ? 37  HOH B O    1 
HETATM 441 O  O    . HOH F 4 .  ? -2.552 11.223  6.044   1.00 54.43 ? 38  HOH B O    1 
HETATM 442 O  O    . HOH F 4 .  ? 2.072  9.855   1.491   1.00 38.27 ? 39  HOH B O    1 
HETATM 443 O  O    . HOH F 4 .  ? 1.175  9.297   10.541  1.00 42.98 ? 40  HOH B O    1 
HETATM 444 O  O    . HOH F 4 .  ? -4.142 14.737  7.253   1.00 51.21 ? 41  HOH B O    1 
HETATM 445 O  O    . HOH F 4 .  ? 7.261  3.676   3.462   1.00 42.07 ? 42  HOH B O    1 
# 
loop_
_atom_site_anisotrop.id 
_atom_site_anisotrop.type_symbol 
_atom_site_anisotrop.pdbx_label_atom_id 
_atom_site_anisotrop.pdbx_label_alt_id 
_atom_site_anisotrop.pdbx_label_comp_id 
_atom_site_anisotrop.pdbx_label_asym_id 
_atom_site_anisotrop.pdbx_label_seq_id 
_atom_site_anisotrop.pdbx_PDB_ins_code 
_atom_site_anisotrop.U[1][1] 
_atom_site_anisotrop.U[2][2] 
_atom_site_anisotrop.U[3][3] 
_atom_site_anisotrop.U[1][2] 
_atom_site_anisotrop.U[1][3] 
_atom_site_anisotrop.U[2][3] 
_atom_site_anisotrop.pdbx_auth_seq_id 
_atom_site_anisotrop.pdbx_auth_comp_id 
_atom_site_anisotrop.pdbx_auth_asym_id 
_atom_site_anisotrop.pdbx_auth_atom_id 
315 CL CL . CL  C . ? 0.1268 0.1640 0.1433 -0.0094 0.0234 0.0091  68  CL  A CL 
351 CO CO . DEU D . ? 0.1112 0.1721 0.1166 -0.0147 0.0163 -0.0026 101 DEU A CO 
# 
